data_5VT6
#
_entry.id   5VT6
#
_cell.length_a   73.150
_cell.length_b   92.180
_cell.length_c   83.050
_cell.angle_alpha   90.000
_cell.angle_beta   115.150
_cell.angle_gamma   90.000
#
_symmetry.space_group_name_H-M   'P 1 21 1'
#
loop_
_entity.id
_entity.type
_entity.pdbx_description
1 polymer 'Acetoacetyl-CoA reductase'
2 non-polymer 'NADP NICOTINAMIDE-ADENINE-DINUCLEOTIDE PHOSPHATE'
3 non-polymer 'ACETATE ION'
4 non-polymer 1,2-ETHANEDIOL
5 non-polymer IMIDAZOLE
6 water water
#
_entity_poly.entity_id   1
_entity_poly.type   'polypeptide(L)'
_entity_poly.pdbx_seq_one_letter_code
;MAHHHHHHMGTLEAQTQGPGSMQAKRVAFVTGGMGGLGAAISRRLHDAGMAVAVSHSERNDHVSTWLMHERDAGRDFKAY
AVDVADFESCERCAEKVLADFGKVDVLINNAGITRDATFMKMTKGDWDAVMRTDLDAMFNVTKQFIAGMVERRFGRIVNI
GSVNGSRGAFGQANYASAKAGIHGFTKTLALETAKRGITVNTVSPGYLATAMVEAVPQDVLEAKILPQIPVGRLGRPDEV
AALIAFLCSDDAGFVTGADLAINGGMHMS
;
_entity_poly.pdbx_strand_id   A,B,C,D
#
loop_
_chem_comp.id
_chem_comp.type
_chem_comp.name
_chem_comp.formula
ACT non-polymer 'ACETATE ION' 'C2 H3 O2 -1'
EDO non-polymer 1,2-ETHANEDIOL 'C2 H6 O2'
IMD non-polymer IMIDAZOLE 'C3 H5 N2 1'
NAP non-polymer 'NADP NICOTINAMIDE-ADENINE-DINUCLEOTIDE PHOSPHATE' 'C21 H28 N7 O17 P3'
#
# COMPACT_ATOMS: atom_id res chain seq x y z
N LYS A 25 27.02 25.80 -4.90
CA LYS A 25 27.13 25.00 -3.67
C LYS A 25 25.77 24.72 -3.01
N ARG A 26 25.40 23.44 -2.94
CA ARG A 26 24.08 23.06 -2.44
C ARG A 26 24.02 23.15 -0.93
N VAL A 27 22.93 23.73 -0.40
CA VAL A 27 22.77 23.97 1.03
C VAL A 27 21.69 23.05 1.57
N ALA A 28 21.99 22.36 2.68
CA ALA A 28 21.03 21.49 3.34
C ALA A 28 20.75 22.01 4.74
N PHE A 29 19.49 21.87 5.17
CA PHE A 29 19.08 22.17 6.53
C PHE A 29 18.42 20.93 7.11
N VAL A 30 18.94 20.43 8.23
CA VAL A 30 18.52 19.15 8.82
C VAL A 30 17.93 19.44 10.19
N THR A 31 16.62 19.28 10.33
CA THR A 31 16.04 19.47 11.66
C THR A 31 16.33 18.23 12.51
N GLY A 32 16.47 18.44 13.81
CA GLY A 32 16.98 17.36 14.65
C GLY A 32 18.35 16.87 14.22
N GLY A 33 19.16 17.76 13.67
CA GLY A 33 20.44 17.41 13.07
C GLY A 33 21.50 16.92 14.03
N MET A 34 21.29 17.06 15.35
CA MET A 34 22.23 16.56 16.33
C MET A 34 21.75 15.29 17.02
N GLY A 35 20.57 14.79 16.65
CA GLY A 35 20.06 13.56 17.21
C GLY A 35 20.66 12.34 16.54
N GLY A 36 20.13 11.18 16.89
CA GLY A 36 20.71 9.93 16.45
C GLY A 36 20.72 9.80 14.94
N LEU A 37 19.54 9.86 14.34
CA LEU A 37 19.47 9.80 12.89
C LEU A 37 19.94 11.11 12.26
N GLY A 38 19.58 12.25 12.86
CA GLY A 38 19.91 13.54 12.26
C GLY A 38 21.40 13.76 12.10
N ALA A 39 22.19 13.35 13.10
CA ALA A 39 23.64 13.53 13.00
C ALA A 39 24.20 12.71 11.84
N ALA A 40 23.70 11.49 11.66
CA ALA A 40 24.17 10.65 10.57
C ALA A 40 23.81 11.26 9.22
N ILE A 41 22.60 11.83 9.11
CA ILE A 41 22.20 12.52 7.88
C ILE A 41 23.10 13.70 7.61
N SER A 42 23.33 14.54 8.62
CA SER A 42 24.16 15.73 8.46
C SER A 42 25.55 15.36 7.96
N ARG A 43 26.14 14.30 8.51
CA ARG A 43 27.47 13.86 8.09
C ARG A 43 27.46 13.44 6.63
N ARG A 44 26.49 12.62 6.22
CA ARG A 44 26.44 12.14 4.85
C ARG A 44 26.25 13.29 3.87
N LEU A 45 25.38 14.24 4.19
CA LEU A 45 25.17 15.36 3.27
C LEU A 45 26.39 16.25 3.19
N HIS A 46 27.07 16.46 4.32
CA HIS A 46 28.33 17.20 4.30
C HIS A 46 29.36 16.49 3.44
N ASP A 47 29.48 15.17 3.58
CA ASP A 47 30.47 14.42 2.81
C ASP A 47 30.14 14.37 1.33
N ALA A 48 28.87 14.56 0.95
CA ALA A 48 28.48 14.70 -0.44
C ALA A 48 28.81 16.08 -1.00
N GLY A 49 29.34 16.99 -0.20
CA GLY A 49 29.74 18.28 -0.68
C GLY A 49 28.77 19.40 -0.40
N MET A 50 27.73 19.16 0.38
CA MET A 50 26.78 20.22 0.70
C MET A 50 27.27 21.05 1.89
N ALA A 51 26.84 22.31 1.91
CA ALA A 51 26.97 23.13 3.10
C ALA A 51 25.79 22.81 4.01
N VAL A 52 26.05 22.40 5.25
CA VAL A 52 25.01 21.83 6.09
C VAL A 52 24.75 22.70 7.30
N ALA A 53 23.50 23.12 7.46
CA ALA A 53 23.00 23.74 8.68
C ALA A 53 22.16 22.72 9.43
N VAL A 54 22.29 22.69 10.76
CA VAL A 54 21.50 21.79 11.59
C VAL A 54 20.68 22.61 12.56
N SER A 55 19.51 22.10 12.91
CA SER A 55 18.75 22.71 13.99
C SER A 55 19.06 22.00 15.30
N HIS A 56 18.80 22.70 16.40
CA HIS A 56 18.78 22.07 17.71
C HIS A 56 17.59 22.61 18.49
N SER A 57 17.13 21.82 19.44
CA SER A 57 16.05 22.26 20.30
C SER A 57 16.52 23.38 21.22
N GLU A 58 15.57 24.20 21.68
CA GLU A 58 15.91 25.38 22.45
C GLU A 58 16.67 25.03 23.72
N ARG A 59 16.33 23.92 24.36
CA ARG A 59 16.96 23.53 25.62
C ARG A 59 18.09 22.53 25.45
N ASN A 60 18.53 22.27 24.21
CA ASN A 60 19.69 21.41 23.98
C ASN A 60 20.89 21.96 24.74
N ASP A 61 21.42 21.16 25.68
CA ASP A 61 22.48 21.64 26.56
C ASP A 61 23.88 21.28 26.08
N HIS A 62 24.00 20.63 24.92
CA HIS A 62 25.30 20.12 24.47
C HIS A 62 25.62 20.58 23.06
N VAL A 63 25.12 21.75 22.64
CA VAL A 63 25.30 22.19 21.26
C VAL A 63 26.77 22.42 20.95
N SER A 64 27.46 23.22 21.78
CA SER A 64 28.87 23.49 21.53
C SER A 64 29.69 22.20 21.52
N THR A 65 29.43 21.31 22.47
CA THR A 65 30.17 20.05 22.51
C THR A 65 29.96 19.23 21.25
N TRP A 66 28.72 19.15 20.77
CA TRP A 66 28.44 18.42 19.54
C TRP A 66 29.19 19.03 18.36
N LEU A 67 29.13 20.35 18.21
CA LEU A 67 29.84 21.00 17.11
C LEU A 67 31.34 20.75 17.19
N MET A 68 31.90 20.76 18.40
CA MET A 68 33.34 20.56 18.54
C MET A 68 33.76 19.16 18.11
N HIS A 69 33.00 18.15 18.54
CA HIS A 69 33.32 16.77 18.15
C HIS A 69 33.22 16.58 16.65
N GLU A 70 32.21 17.21 16.02
CA GLU A 70 32.09 17.13 14.57
C GLU A 70 33.25 17.84 13.88
N ARG A 71 33.68 18.98 14.43
CA ARG A 71 34.86 19.66 13.90
C ARG A 71 36.11 18.80 14.06
N ASP A 72 36.27 18.16 15.22
CA ASP A 72 37.40 17.26 15.44
C ASP A 72 37.43 16.15 14.39
N ALA A 73 36.26 15.73 13.93
CA ALA A 73 36.14 14.73 12.88
C ALA A 73 36.16 15.33 11.49
N GLY A 74 36.44 16.63 11.36
CA GLY A 74 36.68 17.27 10.09
C GLY A 74 35.48 17.92 9.41
N ARG A 75 34.37 18.10 10.12
CA ARG A 75 33.16 18.66 9.51
C ARG A 75 32.73 19.89 10.29
N ASP A 76 32.58 21.01 9.58
CA ASP A 76 32.09 22.24 10.17
C ASP A 76 30.60 22.39 9.86
N PHE A 77 29.78 22.37 10.91
CA PHE A 77 28.35 22.61 10.81
C PHE A 77 28.04 23.94 11.48
N LYS A 78 26.97 24.58 11.02
CA LYS A 78 26.39 25.72 11.70
C LYS A 78 25.04 25.32 12.28
N ALA A 79 24.79 25.73 13.53
CA ALA A 79 23.65 25.23 14.28
C ALA A 79 22.69 26.35 14.67
N TYR A 80 21.39 26.05 14.62
CA TYR A 80 20.35 27.07 14.80
C TYR A 80 19.26 26.54 15.71
N ALA A 81 18.87 27.33 16.71
CA ALA A 81 17.81 26.92 17.63
C ALA A 81 16.45 26.99 16.96
N VAL A 82 15.59 26.01 17.25
CA VAL A 82 14.22 26.02 16.72
C VAL A 82 13.33 25.16 17.60
N ASP A 83 12.04 25.51 17.61
CA ASP A 83 10.95 24.64 18.05
C ASP A 83 10.09 24.37 16.82
N VAL A 84 10.21 23.17 16.24
CA VAL A 84 9.48 22.89 15.00
C VAL A 84 7.96 22.85 15.20
N ALA A 85 7.49 22.76 16.44
CA ALA A 85 6.07 22.83 16.74
C ALA A 85 5.52 24.25 16.75
N ASP A 86 6.34 25.26 16.51
CA ASP A 86 5.93 26.66 16.62
C ASP A 86 6.31 27.41 15.36
N PHE A 87 5.29 27.93 14.66
CA PHE A 87 5.52 28.57 13.36
C PHE A 87 6.47 29.77 13.49
N GLU A 88 6.27 30.59 14.52
CA GLU A 88 7.08 31.79 14.66
C GLU A 88 8.54 31.43 14.99
N SER A 89 8.75 30.38 15.78
CA SER A 89 10.11 29.92 16.03
C SER A 89 10.77 29.47 14.74
N CYS A 90 10.00 28.79 13.88
CA CYS A 90 10.55 28.36 12.60
C CYS A 90 10.90 29.55 11.71
N GLU A 91 10.07 30.61 11.76
CA GLU A 91 10.36 31.83 11.01
C GLU A 91 11.67 32.45 11.47
N ARG A 92 11.85 32.60 12.78
CA ARG A 92 13.07 33.19 13.32
C ARG A 92 14.29 32.36 12.96
N CYS A 93 14.16 31.04 13.06
CA CYS A 93 15.24 30.13 12.69
C CYS A 93 15.62 30.28 11.23
N ALA A 94 14.63 30.21 10.33
CA ALA A 94 14.89 30.30 8.91
C ALA A 94 15.53 31.63 8.53
N GLU A 95 15.11 32.72 9.19
CA GLU A 95 15.74 34.02 8.95
C GLU A 95 17.26 33.94 9.14
N LYS A 96 17.70 33.27 10.21
CA LYS A 96 19.12 33.18 10.51
C LYS A 96 19.83 32.22 9.57
N VAL A 97 19.19 31.10 9.24
CA VAL A 97 19.78 30.15 8.29
C VAL A 97 19.99 30.84 6.94
N LEU A 98 18.96 31.53 6.46
CA LEU A 98 19.09 32.16 5.15
C LEU A 98 20.05 33.34 5.18
N ALA A 99 20.16 34.05 6.30
CA ALA A 99 21.14 35.12 6.37
C ALA A 99 22.57 34.58 6.23
N ASP A 100 22.83 33.39 6.75
CA ASP A 100 24.17 32.82 6.70
C ASP A 100 24.46 32.07 5.40
N PHE A 101 23.48 31.35 4.86
CA PHE A 101 23.71 30.51 3.70
C PHE A 101 23.07 31.02 2.41
N GLY A 102 22.14 31.98 2.49
CA GLY A 102 21.54 32.60 1.32
C GLY A 102 20.37 31.83 0.73
N LYS A 103 20.36 30.52 0.87
CA LYS A 103 19.32 29.67 0.32
C LYS A 103 19.33 28.37 1.11
N VAL A 104 18.26 27.59 0.94
CA VAL A 104 18.24 26.18 1.37
C VAL A 104 17.73 25.38 0.19
N ASP A 105 18.57 24.46 -0.31
CA ASP A 105 18.21 23.60 -1.44
C ASP A 105 17.60 22.29 -0.98
N VAL A 106 18.03 21.80 0.17
CA VAL A 106 17.72 20.47 0.66
C VAL A 106 17.21 20.62 2.08
N LEU A 107 15.98 20.19 2.31
CA LEU A 107 15.37 20.26 3.64
C LEU A 107 15.09 18.86 4.11
N ILE A 108 15.62 18.49 5.28
CA ILE A 108 15.35 17.20 5.88
C ILE A 108 14.49 17.42 7.12
N ASN A 109 13.21 17.05 7.04
CA ASN A 109 12.30 17.18 8.18
C ASN A 109 12.42 15.92 9.03
N ASN A 110 13.38 15.95 9.97
CA ASN A 110 13.78 14.79 10.73
C ASN A 110 13.46 14.89 12.23
N ALA A 111 13.33 16.09 12.77
CA ALA A 111 13.00 16.21 14.19
C ALA A 111 11.72 15.46 14.50
N GLY A 112 11.66 14.83 15.67
CA GLY A 112 10.49 14.06 16.02
C GLY A 112 10.60 13.53 17.44
N ILE A 113 9.43 13.26 18.03
CA ILE A 113 9.34 12.73 19.38
C ILE A 113 8.26 11.65 19.43
N THR A 114 8.30 10.85 20.49
CA THR A 114 7.21 9.97 20.85
C THR A 114 6.70 10.36 22.23
N ARG A 115 5.44 9.99 22.50
CA ARG A 115 4.78 10.10 23.81
C ARG A 115 3.85 8.89 23.88
N ASP A 116 4.45 7.72 24.09
CA ASP A 116 3.69 6.47 23.99
C ASP A 116 2.72 6.29 25.16
N ALA A 117 1.56 5.73 24.85
CA ALA A 117 0.57 5.33 25.83
C ALA A 117 -0.48 4.53 25.09
N THR A 118 -1.10 3.56 25.77
CA THR A 118 -2.29 2.96 25.20
C THR A 118 -3.33 4.05 24.97
N PHE A 119 -4.19 3.84 23.98
CA PHE A 119 -5.19 4.86 23.70
C PHE A 119 -6.10 5.09 24.91
N MET A 120 -6.42 4.01 25.64
CA MET A 120 -7.22 4.14 26.86
C MET A 120 -6.59 5.10 27.86
N LYS A 121 -5.26 5.10 27.96
CA LYS A 121 -4.57 5.91 28.94
C LYS A 121 -3.96 7.19 28.38
N MET A 122 -3.94 7.35 27.06
CA MET A 122 -3.27 8.50 26.46
C MET A 122 -3.91 9.81 26.89
N THR A 123 -3.08 10.81 27.16
CA THR A 123 -3.58 12.11 27.57
C THR A 123 -3.69 13.07 26.38
N LYS A 124 -4.47 14.13 26.59
CA LYS A 124 -4.54 15.20 25.60
CA LYS A 124 -4.54 15.20 25.60
C LYS A 124 -3.16 15.79 25.33
N GLY A 125 -2.35 15.96 26.38
CA GLY A 125 -1.00 16.46 26.18
C GLY A 125 -0.12 15.51 25.40
N ASP A 126 -0.23 14.20 25.66
CA ASP A 126 0.49 13.19 24.87
C ASP A 126 0.16 13.33 23.40
N TRP A 127 -1.13 13.46 23.10
CA TRP A 127 -1.58 13.53 21.71
C TRP A 127 -1.09 14.82 21.05
N ASP A 128 -1.37 15.97 21.67
CA ASP A 128 -0.99 17.25 21.07
C ASP A 128 0.51 17.38 20.88
N ALA A 129 1.30 16.93 21.87
CA ALA A 129 2.75 17.10 21.77
C ALA A 129 3.29 16.40 20.53
N VAL A 130 2.84 15.18 20.30
CA VAL A 130 3.30 14.41 19.14
C VAL A 130 2.75 15.00 17.85
N MET A 131 1.48 15.41 17.82
CA MET A 131 0.93 15.97 16.59
C MET A 131 1.64 17.26 16.19
N ARG A 132 1.89 18.14 17.17
CA ARG A 132 2.47 19.45 16.86
C ARG A 132 3.93 19.32 16.45
N THR A 133 4.68 18.45 17.11
CA THR A 133 6.09 18.31 16.79
C THR A 133 6.30 17.50 15.51
N ASP A 134 5.55 16.41 15.36
CA ASP A 134 5.84 15.44 14.32
C ASP A 134 5.09 15.69 13.02
N LEU A 135 3.90 16.29 13.08
CA LEU A 135 3.12 16.55 11.88
C LEU A 135 3.00 18.03 11.55
N ASP A 136 2.70 18.89 12.52
CA ASP A 136 2.66 20.32 12.21
C ASP A 136 4.00 20.85 11.72
N ALA A 137 5.11 20.20 12.10
CA ALA A 137 6.41 20.61 11.59
C ALA A 137 6.46 20.58 10.07
N MET A 138 5.69 19.69 9.44
CA MET A 138 5.63 19.66 7.98
C MET A 138 5.26 21.03 7.45
N PHE A 139 4.29 21.67 8.09
CA PHE A 139 3.89 23.02 7.71
C PHE A 139 4.86 24.06 8.24
N ASN A 140 5.14 24.03 9.55
CA ASN A 140 5.91 25.11 10.18
C ASN A 140 7.30 25.27 9.59
N VAL A 141 7.99 24.15 9.34
CA VAL A 141 9.35 24.22 8.82
C VAL A 141 9.34 24.47 7.31
N THR A 142 8.62 23.61 6.57
CA THR A 142 8.70 23.66 5.11
C THR A 142 8.22 25.00 4.56
N LYS A 143 7.23 25.64 5.21
CA LYS A 143 6.75 26.93 4.73
C LYS A 143 7.86 27.97 4.66
N GLN A 144 8.92 27.82 5.46
CA GLN A 144 9.95 28.86 5.52
C GLN A 144 10.94 28.77 4.36
N PHE A 145 10.98 27.63 3.66
CA PHE A 145 11.99 27.39 2.63
C PHE A 145 11.40 27.09 1.26
N ILE A 146 10.09 26.89 1.16
CA ILE A 146 9.51 26.38 -0.08
C ILE A 146 9.59 27.45 -1.18
N ALA A 147 9.39 28.72 -0.84
CA ALA A 147 9.35 29.77 -1.87
C ALA A 147 10.66 29.85 -2.63
N GLY A 148 11.79 29.77 -1.91
CA GLY A 148 13.08 29.86 -2.57
C GLY A 148 13.32 28.69 -3.50
N MET A 149 12.97 27.47 -3.06
CA MET A 149 13.11 26.30 -3.93
C MET A 149 12.28 26.47 -5.19
N VAL A 150 11.05 26.96 -5.03
CA VAL A 150 10.15 27.13 -6.17
C VAL A 150 10.73 28.12 -7.17
N GLU A 151 11.24 29.26 -6.67
CA GLU A 151 11.77 30.28 -7.58
C GLU A 151 13.05 29.81 -8.26
N ARG A 152 13.91 29.11 -7.53
CA ARG A 152 15.16 28.62 -8.11
C ARG A 152 14.96 27.39 -8.99
N ARG A 153 13.77 26.81 -8.97
CA ARG A 153 13.45 25.61 -9.76
CA ARG A 153 13.45 25.61 -9.77
C ARG A 153 14.36 24.43 -9.40
N PHE A 154 14.65 24.30 -8.10
CA PHE A 154 15.35 23.12 -7.61
C PHE A 154 15.04 22.92 -6.13
N GLY A 155 14.82 21.67 -5.73
CA GLY A 155 14.76 21.40 -4.30
C GLY A 155 14.70 19.92 -4.02
N ARG A 156 15.03 19.58 -2.77
CA ARG A 156 14.87 18.21 -2.26
C ARG A 156 14.28 18.35 -0.87
N ILE A 157 13.10 17.78 -0.68
CA ILE A 157 12.45 17.73 0.63
C ILE A 157 12.28 16.28 1.02
N VAL A 158 12.84 15.89 2.15
CA VAL A 158 12.77 14.51 2.63
C VAL A 158 12.16 14.54 4.02
N ASN A 159 11.04 13.83 4.17
CA ASN A 159 10.32 13.79 5.44
C ASN A 159 10.51 12.43 6.07
N ILE A 160 10.97 12.40 7.33
CA ILE A 160 11.23 11.13 8.00
C ILE A 160 9.92 10.64 8.60
N GLY A 161 9.41 9.53 8.07
CA GLY A 161 8.25 8.86 8.62
C GLY A 161 8.68 7.75 9.55
N SER A 162 7.95 6.64 9.54
CA SER A 162 8.30 5.48 10.36
C SER A 162 7.59 4.26 9.83
N VAL A 163 8.24 3.10 9.99
CA VAL A 163 7.55 1.83 9.77
C VAL A 163 6.25 1.78 10.56
N ASN A 164 6.21 2.42 11.74
CA ASN A 164 4.99 2.35 12.55
C ASN A 164 3.87 3.23 11.99
N GLY A 165 4.19 4.19 11.13
CA GLY A 165 3.15 4.85 10.35
C GLY A 165 2.51 3.90 9.35
N SER A 166 3.29 2.94 8.83
CA SER A 166 2.78 2.03 7.82
C SER A 166 1.96 0.90 8.43
N ARG A 167 2.42 0.32 9.53
CA ARG A 167 1.77 -0.86 10.09
C ARG A 167 0.92 -0.59 11.31
N GLY A 168 0.99 0.61 11.90
CA GLY A 168 0.36 0.88 13.19
C GLY A 168 1.22 0.31 14.30
N ALA A 169 1.05 0.76 15.54
CA ALA A 169 1.86 0.19 16.61
C ALA A 169 1.18 0.40 17.94
N PHE A 170 1.11 -0.67 18.73
CA PHE A 170 0.58 -0.60 20.09
C PHE A 170 1.23 0.55 20.86
N GLY A 171 0.40 1.34 21.53
CA GLY A 171 0.87 2.45 22.33
C GLY A 171 1.21 3.71 21.55
N GLN A 172 0.91 3.75 20.25
CA GLN A 172 1.37 4.87 19.43
C GLN A 172 0.24 5.44 18.58
N ALA A 173 -0.95 5.57 19.15
CA ALA A 173 -2.06 6.14 18.38
C ALA A 173 -1.71 7.55 17.90
N ASN A 174 -1.00 8.32 18.72
CA ASN A 174 -0.56 9.65 18.30
C ASN A 174 0.57 9.57 17.26
N TYR A 175 1.62 8.81 17.56
CA TYR A 175 2.80 8.78 16.71
C TYR A 175 2.51 8.15 15.35
N ALA A 176 1.81 7.01 15.34
CA ALA A 176 1.49 6.39 14.05
C ALA A 176 0.62 7.31 13.20
N SER A 177 -0.30 8.03 13.84
CA SER A 177 -1.15 8.98 13.13
CA SER A 177 -1.16 8.97 13.12
C SER A 177 -0.33 10.09 12.50
N ALA A 178 0.56 10.69 13.29
CA ALA A 178 1.40 11.77 12.77
C ALA A 178 2.30 11.27 11.66
N LYS A 179 2.92 10.10 11.84
CA LYS A 179 3.83 9.60 10.82
C LYS A 179 3.08 9.18 9.55
N ALA A 180 1.89 8.60 9.67
CA ALA A 180 1.07 8.35 8.49
C ALA A 180 0.69 9.65 7.80
N GLY A 181 0.33 10.67 8.59
CA GLY A 181 -0.04 11.96 8.02
C GLY A 181 1.08 12.59 7.22
N ILE A 182 2.33 12.38 7.65
CA ILE A 182 3.47 12.93 6.92
C ILE A 182 3.46 12.50 5.46
N HIS A 183 3.08 11.25 5.19
CA HIS A 183 3.13 10.83 3.79
C HIS A 183 2.00 11.46 2.96
N GLY A 184 0.86 11.76 3.57
CA GLY A 184 -0.15 12.54 2.87
C GLY A 184 0.37 13.91 2.49
N PHE A 185 1.10 14.55 3.40
CA PHE A 185 1.77 15.82 3.09
C PHE A 185 2.77 15.65 1.95
N THR A 186 3.61 14.61 2.04
CA THR A 186 4.60 14.35 0.99
C THR A 186 3.96 14.27 -0.39
N LYS A 187 2.87 13.51 -0.51
CA LYS A 187 2.26 13.30 -1.82
C LYS A 187 1.69 14.61 -2.37
N THR A 188 1.02 15.39 -1.53
CA THR A 188 0.45 16.65 -2.01
C THR A 188 1.55 17.62 -2.43
N LEU A 189 2.58 17.79 -1.59
CA LEU A 189 3.61 18.75 -1.93
C LEU A 189 4.39 18.29 -3.15
N ALA A 190 4.60 16.98 -3.28
CA ALA A 190 5.21 16.45 -4.50
C ALA A 190 4.40 16.86 -5.73
N LEU A 191 3.07 16.73 -5.66
CA LEU A 191 2.26 17.09 -6.82
C LEU A 191 2.35 18.58 -7.10
N GLU A 192 2.36 19.41 -6.05
CA GLU A 192 2.35 20.85 -6.27
C GLU A 192 3.67 21.39 -6.79
N THR A 193 4.79 20.70 -6.53
CA THR A 193 6.12 21.19 -6.86
C THR A 193 6.79 20.44 -8.00
N ALA A 194 6.12 19.45 -8.59
CA ALA A 194 6.81 18.55 -9.53
C ALA A 194 7.35 19.27 -10.76
N LYS A 195 6.72 20.36 -11.19
CA LYS A 195 7.21 21.07 -12.35
C LYS A 195 8.18 22.19 -12.00
N ARG A 196 8.58 22.28 -10.72
CA ARG A 196 9.57 23.25 -10.28
C ARG A 196 10.89 22.60 -9.88
N GLY A 197 11.18 21.41 -10.40
CA GLY A 197 12.48 20.82 -10.11
C GLY A 197 12.66 20.38 -8.68
N ILE A 198 11.58 20.28 -7.91
CA ILE A 198 11.60 19.87 -6.51
C ILE A 198 11.06 18.46 -6.42
N THR A 199 11.68 17.62 -5.60
CA THR A 199 11.08 16.34 -5.25
C THR A 199 10.78 16.34 -3.76
N VAL A 200 9.73 15.61 -3.39
CA VAL A 200 9.31 15.49 -1.99
C VAL A 200 9.06 14.01 -1.75
N ASN A 201 9.75 13.45 -0.76
CA ASN A 201 9.66 12.01 -0.49
C ASN A 201 9.61 11.77 1.00
N THR A 202 9.00 10.64 1.36
CA THR A 202 8.99 10.13 2.72
C THR A 202 10.00 8.98 2.80
N VAL A 203 10.81 8.98 3.86
CA VAL A 203 11.69 7.86 4.17
C VAL A 203 11.18 7.27 5.48
N SER A 204 10.87 5.97 5.47
CA SER A 204 10.23 5.28 6.60
C SER A 204 11.18 4.22 7.14
N PRO A 205 11.95 4.54 8.18
CA PRO A 205 12.88 3.55 8.74
C PRO A 205 12.18 2.60 9.69
N GLY A 206 12.75 1.39 9.78
CA GLY A 206 12.47 0.48 10.87
C GLY A 206 13.27 0.87 12.10
N TYR A 207 13.36 -0.05 13.06
CA TYR A 207 14.05 0.25 14.32
C TYR A 207 15.53 0.51 14.08
N LEU A 208 16.03 1.61 14.65
CA LEU A 208 17.41 2.03 14.46
C LEU A 208 18.19 2.00 15.76
N ALA A 209 19.50 1.90 15.61
CA ALA A 209 20.43 1.93 16.74
C ALA A 209 20.65 3.39 17.13
N THR A 210 19.78 3.88 18.02
CA THR A 210 19.84 5.25 18.54
C THR A 210 19.58 5.16 20.05
N ALA A 211 19.22 6.30 20.65
CA ALA A 211 18.99 6.33 22.10
C ALA A 211 17.66 5.73 22.49
N MET A 212 16.63 5.92 21.66
CA MET A 212 15.32 5.31 21.93
C MET A 212 15.44 3.81 22.14
N VAL A 213 16.25 3.14 21.32
CA VAL A 213 16.45 1.70 21.47
C VAL A 213 17.31 1.41 22.70
N GLU A 214 18.31 2.27 22.97
CA GLU A 214 19.25 2.00 24.05
C GLU A 214 18.65 2.14 25.44
N ALA A 215 17.49 2.80 25.56
CA ALA A 215 16.82 2.92 26.85
C ALA A 215 15.90 1.74 27.15
N VAL A 216 15.75 0.82 26.20
CA VAL A 216 14.87 -0.34 26.31
C VAL A 216 15.55 -1.41 27.17
N PRO A 217 14.84 -2.06 28.08
CA PRO A 217 15.46 -3.16 28.84
C PRO A 217 15.97 -4.26 27.92
N GLN A 218 17.06 -4.90 28.35
CA GLN A 218 17.71 -5.91 27.50
C GLN A 218 16.74 -7.03 27.14
N ASP A 219 15.94 -7.49 28.10
CA ASP A 219 15.02 -8.60 27.80
C ASP A 219 13.99 -8.20 26.77
N VAL A 220 13.57 -6.93 26.77
CA VAL A 220 12.60 -6.45 25.80
C VAL A 220 13.24 -6.32 24.42
N LEU A 221 14.46 -5.76 24.37
CA LEU A 221 15.22 -5.74 23.13
C LEU A 221 15.33 -7.13 22.52
N GLU A 222 15.70 -8.11 23.34
CA GLU A 222 15.92 -9.46 22.82
C GLU A 222 14.62 -10.15 22.46
N ALA A 223 13.59 -10.05 23.31
CA ALA A 223 12.40 -10.87 23.14
C ALA A 223 11.31 -10.20 22.32
N LYS A 224 11.28 -8.87 22.30
CA LYS A 224 10.19 -8.13 21.66
C LYS A 224 10.60 -7.35 20.43
N ILE A 225 11.79 -6.75 20.41
CA ILE A 225 12.19 -5.85 19.32
CA ILE A 225 12.18 -5.86 19.32
C ILE A 225 12.86 -6.65 18.20
N LEU A 226 13.98 -7.31 18.52
CA LEU A 226 14.74 -8.00 17.49
C LEU A 226 13.96 -9.07 16.74
N PRO A 227 13.06 -9.86 17.36
CA PRO A 227 12.31 -10.85 16.57
C PRO A 227 11.42 -10.24 15.50
N GLN A 228 11.12 -8.94 15.59
CA GLN A 228 10.30 -8.27 14.58
C GLN A 228 11.04 -8.03 13.28
N ILE A 229 12.38 -8.15 13.27
CA ILE A 229 13.22 -7.67 12.19
C ILE A 229 13.82 -8.88 11.48
N PRO A 230 13.41 -9.17 10.24
CA PRO A 230 13.96 -10.35 9.56
C PRO A 230 15.47 -10.38 9.42
N VAL A 231 16.13 -9.24 9.18
CA VAL A 231 17.59 -9.26 9.03
C VAL A 231 18.30 -9.43 10.36
N GLY A 232 17.58 -9.39 11.47
CA GLY A 232 18.13 -9.78 12.76
C GLY A 232 18.98 -8.77 13.46
N ARG A 233 18.91 -7.50 13.06
CA ARG A 233 19.69 -6.44 13.68
C ARG A 233 18.93 -5.14 13.54
N LEU A 234 19.29 -4.17 14.38
CA LEU A 234 18.76 -2.82 14.18
C LEU A 234 19.44 -2.18 12.97
N GLY A 235 18.75 -1.21 12.38
CA GLY A 235 19.34 -0.45 11.29
C GLY A 235 20.30 0.59 11.82
N ARG A 236 21.36 0.84 11.04
CA ARG A 236 22.30 1.90 11.44
C ARG A 236 21.83 3.24 10.93
N PRO A 237 21.88 4.30 11.76
CA PRO A 237 21.53 5.64 11.25
C PRO A 237 22.27 6.00 9.97
N ASP A 238 23.54 5.59 9.84
CA ASP A 238 24.29 5.90 8.64
C ASP A 238 23.70 5.25 7.39
N GLU A 239 23.07 4.06 7.50
CA GLU A 239 22.42 3.44 6.35
C GLU A 239 21.25 4.27 5.86
N VAL A 240 20.40 4.71 6.78
CA VAL A 240 19.28 5.57 6.43
C VAL A 240 19.81 6.87 5.82
N ALA A 241 20.88 7.41 6.40
CA ALA A 241 21.47 8.64 5.87
C ALA A 241 22.00 8.44 4.46
N ALA A 242 22.54 7.25 4.16
CA ALA A 242 23.03 6.98 2.82
C ALA A 242 21.91 6.98 1.80
N LEU A 243 20.76 6.40 2.15
CA LEU A 243 19.60 6.43 1.27
C LEU A 243 19.12 7.85 1.06
N ILE A 244 19.09 8.65 2.13
CA ILE A 244 18.67 10.03 2.03
C ILE A 244 19.62 10.82 1.14
N ALA A 245 20.93 10.57 1.27
CA ALA A 245 21.89 11.27 0.42
C ALA A 245 21.65 10.95 -1.05
N PHE A 246 21.31 9.69 -1.37
CA PHE A 246 20.95 9.40 -2.75
C PHE A 246 19.73 10.22 -3.18
N LEU A 247 18.70 10.27 -2.34
CA LEU A 247 17.49 11.00 -2.72
C LEU A 247 17.76 12.49 -2.93
N CYS A 248 18.75 13.05 -2.24
CA CYS A 248 19.05 14.47 -2.37
C CYS A 248 20.00 14.77 -3.51
N SER A 249 20.47 13.74 -4.23
CA SER A 249 21.45 13.88 -5.30
C SER A 249 20.77 14.26 -6.62
N ASP A 250 21.60 14.63 -7.60
CA ASP A 250 21.12 14.91 -8.94
C ASP A 250 20.67 13.65 -9.68
N ASP A 251 20.82 12.47 -9.10
CA ASP A 251 20.36 11.25 -9.75
C ASP A 251 18.94 10.83 -9.33
N ALA A 252 18.29 11.58 -8.45
CA ALA A 252 17.01 11.14 -7.89
C ALA A 252 15.86 12.08 -8.25
N GLY A 253 16.00 12.87 -9.33
CA GLY A 253 14.95 13.81 -9.72
C GLY A 253 13.67 13.15 -10.21
N PHE A 254 13.71 11.86 -10.50
CA PHE A 254 12.54 11.11 -10.95
C PHE A 254 11.88 10.34 -9.82
N VAL A 255 12.36 10.49 -8.57
CA VAL A 255 11.72 9.89 -7.40
C VAL A 255 10.97 11.02 -6.70
N THR A 256 9.64 11.00 -6.73
CA THR A 256 8.89 12.01 -5.98
C THR A 256 7.54 11.44 -5.59
N GLY A 257 7.07 11.88 -4.42
CA GLY A 257 5.84 11.37 -3.84
C GLY A 257 5.92 9.96 -3.34
N ALA A 258 7.12 9.43 -3.18
CA ALA A 258 7.34 8.04 -2.82
C ALA A 258 7.54 7.91 -1.31
N ASP A 259 7.31 6.70 -0.82
CA ASP A 259 7.58 6.32 0.57
C ASP A 259 8.60 5.20 0.50
N LEU A 260 9.84 5.49 0.88
CA LEU A 260 10.95 4.55 0.72
CA LEU A 260 10.94 4.55 0.72
C LEU A 260 11.16 3.83 2.05
N ALA A 261 10.90 2.53 2.03
CA ALA A 261 10.94 1.71 3.25
C ALA A 261 12.35 1.18 3.46
N ILE A 262 12.91 1.47 4.63
CA ILE A 262 14.22 0.94 4.98
C ILE A 262 14.10 0.36 6.38
N ASN A 263 13.60 -0.87 6.47
CA ASN A 263 13.12 -1.38 7.74
C ASN A 263 13.59 -2.80 8.03
N GLY A 264 14.58 -3.30 7.30
CA GLY A 264 15.11 -4.62 7.60
C GLY A 264 14.13 -5.75 7.33
N GLY A 265 13.07 -5.50 6.57
CA GLY A 265 12.01 -6.46 6.32
C GLY A 265 10.90 -6.47 7.36
N MET A 266 10.93 -5.54 8.32
CA MET A 266 9.92 -5.49 9.39
CA MET A 266 9.92 -5.57 9.38
C MET A 266 8.51 -5.40 8.82
N HIS A 267 8.36 -4.68 7.71
CA HIS A 267 7.06 -4.52 7.10
C HIS A 267 7.21 -4.54 5.59
N MET A 268 6.31 -5.27 4.93
CA MET A 268 6.21 -5.33 3.48
C MET A 268 4.73 -5.21 3.11
N SER A 269 4.48 -4.72 1.90
CA SER A 269 3.10 -4.61 1.45
C SER A 269 3.00 -4.75 -0.06
N LYS B 25 -29.99 -4.36 21.31
CA LYS B 25 -30.10 -3.41 20.21
C LYS B 25 -28.90 -2.47 20.14
N ARG B 26 -28.14 -2.56 19.06
CA ARG B 26 -26.89 -1.82 18.92
CA ARG B 26 -26.90 -1.80 18.97
C ARG B 26 -27.17 -0.32 18.80
N VAL B 27 -26.32 0.48 19.45
CA VAL B 27 -26.41 1.93 19.41
C VAL B 27 -25.27 2.46 18.54
N ALA B 28 -25.60 3.31 17.58
CA ALA B 28 -24.61 3.97 16.74
C ALA B 28 -24.61 5.48 17.00
N PHE B 29 -23.42 6.09 16.92
CA PHE B 29 -23.26 7.54 17.00
C PHE B 29 -22.49 7.97 15.76
N VAL B 30 -23.08 8.88 14.98
CA VAL B 30 -22.54 9.30 13.69
C VAL B 30 -22.23 10.79 13.80
N THR B 31 -20.95 11.14 13.82
CA THR B 31 -20.61 12.57 13.80
C THR B 31 -20.81 13.12 12.40
N GLY B 32 -21.22 14.38 12.32
CA GLY B 32 -21.67 14.91 11.04
C GLY B 32 -22.84 14.13 10.48
N GLY B 33 -23.70 13.60 11.34
CA GLY B 33 -24.76 12.70 10.94
C GLY B 33 -25.87 13.33 10.12
N MET B 34 -25.88 14.66 9.99
CA MET B 34 -26.88 15.36 9.20
C MET B 34 -26.33 15.91 7.89
N GLY B 35 -25.03 15.76 7.63
CA GLY B 35 -24.44 16.22 6.40
C GLY B 35 -24.69 15.26 5.25
N GLY B 36 -24.00 15.49 4.15
CA GLY B 36 -24.22 14.72 2.93
C GLY B 36 -24.02 13.23 3.11
N LEU B 37 -22.80 12.85 3.49
CA LEU B 37 -22.53 11.43 3.72
C LEU B 37 -23.12 10.96 5.04
N GLY B 38 -23.07 11.81 6.07
CA GLY B 38 -23.51 11.38 7.38
C GLY B 38 -24.98 11.00 7.41
N ALA B 39 -25.82 11.78 6.74
CA ALA B 39 -27.25 11.45 6.72
C ALA B 39 -27.48 10.08 6.09
N ALA B 40 -26.76 9.78 5.00
CA ALA B 40 -26.93 8.48 4.36
C ALA B 40 -26.44 7.35 5.28
N ILE B 41 -25.34 7.57 5.98
CA ILE B 41 -24.87 6.59 6.96
C ILE B 41 -25.92 6.37 8.03
N SER B 42 -26.44 7.45 8.59
CA SER B 42 -27.42 7.34 9.68
C SER B 42 -28.65 6.55 9.24
N ARG B 43 -29.14 6.82 8.02
CA ARG B 43 -30.30 6.09 7.53
C ARG B 43 -30.00 4.60 7.36
N ARG B 44 -28.82 4.25 6.83
CA ARG B 44 -28.50 2.85 6.61
C ARG B 44 -28.35 2.09 7.92
N LEU B 45 -27.71 2.71 8.91
CA LEU B 45 -27.56 2.05 10.20
C LEU B 45 -28.90 1.89 10.90
N HIS B 46 -29.76 2.92 10.80
CA HIS B 46 -31.11 2.78 11.32
CA HIS B 46 -31.11 2.78 11.32
C HIS B 46 -31.85 1.62 10.67
N ASP B 47 -31.78 1.54 9.34
CA ASP B 47 -32.47 0.47 8.63
C ASP B 47 -31.89 -0.91 8.92
N ALA B 48 -30.65 -0.98 9.38
CA ALA B 48 -30.07 -2.25 9.83
C ALA B 48 -30.51 -2.63 11.25
N GLY B 49 -31.35 -1.80 11.89
CA GLY B 49 -31.89 -2.11 13.19
C GLY B 49 -31.22 -1.42 14.36
N MET B 50 -30.31 -0.48 14.11
CA MET B 50 -29.61 0.18 15.19
C MET B 50 -30.39 1.39 15.69
N ALA B 51 -30.21 1.72 16.97
CA ALA B 51 -30.67 2.99 17.50
C ALA B 51 -29.58 4.00 17.19
N VAL B 52 -29.92 5.10 16.52
CA VAL B 52 -28.91 5.98 15.94
C VAL B 52 -28.99 7.36 16.58
N ALA B 53 -27.85 7.82 17.07
CA ALA B 53 -27.65 9.19 17.53
C ALA B 53 -26.76 9.90 16.53
N VAL B 54 -27.05 11.16 16.26
CA VAL B 54 -26.24 11.94 15.32
C VAL B 54 -25.72 13.17 16.04
N SER B 55 -24.53 13.60 15.66
CA SER B 55 -24.06 14.90 16.12
C SER B 55 -24.45 15.99 15.13
N HIS B 56 -24.46 17.23 15.62
CA HIS B 56 -24.61 18.39 14.76
C HIS B 56 -23.63 19.45 15.23
N SER B 57 -23.20 20.30 14.29
CA SER B 57 -22.27 21.36 14.65
C SER B 57 -22.98 22.42 15.48
N GLU B 58 -22.18 23.22 16.18
CA GLU B 58 -22.76 24.13 17.16
C GLU B 58 -23.64 25.19 16.52
N ARG B 59 -23.34 25.60 15.28
CA ARG B 59 -24.12 26.63 14.62
C ARG B 59 -25.06 26.08 13.55
N ASN B 60 -25.22 24.76 13.47
CA ASN B 60 -26.20 24.15 12.56
C ASN B 60 -27.58 24.78 12.80
N ASP B 61 -28.15 25.38 11.75
CA ASP B 61 -29.37 26.17 11.90
C ASP B 61 -30.63 25.41 11.49
N HIS B 62 -30.54 24.09 11.31
CA HIS B 62 -31.66 23.33 10.79
C HIS B 62 -31.81 21.99 11.49
N VAL B 63 -31.44 21.91 12.77
CA VAL B 63 -31.45 20.62 13.47
C VAL B 63 -32.87 20.07 13.56
N SER B 64 -33.79 20.87 14.08
CA SER B 64 -35.15 20.35 14.27
C SER B 64 -35.83 20.06 12.93
N THR B 65 -35.56 20.88 11.92
CA THR B 65 -36.12 20.61 10.59
C THR B 65 -35.67 19.26 10.09
N TRP B 66 -34.36 18.98 10.21
CA TRP B 66 -33.82 17.73 9.71
C TRP B 66 -34.43 16.54 10.45
N LEU B 67 -34.50 16.63 11.78
CA LEU B 67 -35.07 15.53 12.56
C LEU B 67 -36.51 15.26 12.19
N MET B 68 -37.30 16.33 11.99
CA MET B 68 -38.70 16.12 11.64
C MET B 68 -38.84 15.44 10.29
N HIS B 69 -38.09 15.90 9.29
CA HIS B 69 -38.19 15.29 7.97
C HIS B 69 -37.72 13.84 7.98
N GLU B 70 -36.72 13.51 8.81
CA GLU B 70 -36.32 12.10 8.90
C GLU B 70 -37.42 11.26 9.54
N ARG B 71 -38.09 11.81 10.56
CA ARG B 71 -39.24 11.12 11.16
C ARG B 71 -40.38 10.95 10.17
N ASP B 72 -40.62 11.97 9.34
CA ASP B 72 -41.63 11.85 8.29
C ASP B 72 -41.33 10.68 7.36
N ALA B 73 -40.05 10.39 7.13
CA ALA B 73 -39.64 9.27 6.31
C ALA B 73 -39.45 7.98 7.12
N GLY B 74 -39.85 7.99 8.39
CA GLY B 74 -39.94 6.78 9.17
C GLY B 74 -38.79 6.47 10.12
N ARG B 75 -37.90 7.43 10.38
CA ARG B 75 -36.72 7.16 11.19
C ARG B 75 -36.62 8.19 12.30
N ASP B 76 -36.62 7.72 13.55
CA ASP B 76 -36.49 8.57 14.72
C ASP B 76 -35.01 8.62 15.11
N PHE B 77 -34.37 9.77 14.90
CA PHE B 77 -33.01 10.03 15.35
C PHE B 77 -33.04 10.98 16.55
N LYS B 78 -31.97 10.95 17.34
CA LYS B 78 -31.71 11.97 18.35
C LYS B 78 -30.40 12.67 18.00
N ALA B 79 -30.34 13.98 18.25
CA ALA B 79 -29.24 14.82 17.80
C ALA B 79 -28.58 15.53 18.98
N TYR B 80 -27.27 15.74 18.86
CA TYR B 80 -26.42 16.24 19.94
C TYR B 80 -25.37 17.20 19.38
N ALA B 81 -25.28 18.39 19.97
CA ALA B 81 -24.30 19.38 19.55
C ALA B 81 -22.88 18.93 19.91
N VAL B 82 -21.92 19.19 19.01
CA VAL B 82 -20.53 18.90 19.31
C VAL B 82 -19.64 19.75 18.42
N ASP B 83 -18.44 20.04 18.93
CA ASP B 83 -17.33 20.51 18.11
C ASP B 83 -16.26 19.43 18.21
N VAL B 84 -16.09 18.64 17.15
CA VAL B 84 -15.15 17.51 17.22
C VAL B 84 -13.71 17.95 17.36
N ALA B 85 -13.41 19.23 17.12
CA ALA B 85 -12.07 19.75 17.31
C ALA B 85 -11.76 20.11 18.76
N ASP B 86 -12.71 19.91 19.67
CA ASP B 86 -12.57 20.37 21.05
C ASP B 86 -12.88 19.22 22.00
N PHE B 87 -11.88 18.78 22.77
CA PHE B 87 -12.04 17.65 23.67
C PHE B 87 -13.17 17.89 24.67
N GLU B 88 -13.21 19.07 25.28
CA GLU B 88 -14.27 19.39 26.24
C GLU B 88 -15.65 19.28 25.61
N SER B 89 -15.82 19.80 24.40
CA SER B 89 -17.12 19.68 23.72
C SER B 89 -17.50 18.22 23.53
N CYS B 90 -16.52 17.39 23.17
CA CYS B 90 -16.79 15.98 22.94
C CYS B 90 -17.18 15.27 24.23
N GLU B 91 -16.53 15.65 25.34
CA GLU B 91 -16.93 15.17 26.67
C GLU B 91 -18.39 15.44 26.94
N ARG B 92 -18.81 16.71 26.77
CA ARG B 92 -20.18 17.12 27.06
C ARG B 92 -21.17 16.37 26.20
N CYS B 93 -20.84 16.24 24.90
CA CYS B 93 -21.70 15.54 23.97
C CYS B 93 -21.86 14.08 24.36
N ALA B 94 -20.75 13.39 24.60
CA ALA B 94 -20.82 11.98 24.94
C ALA B 94 -21.62 11.77 26.23
N GLU B 95 -21.47 12.68 27.19
CA GLU B 95 -22.27 12.64 28.41
C GLU B 95 -23.76 12.59 28.08
N LYS B 96 -24.21 13.43 27.15
CA LYS B 96 -25.63 13.46 26.78
C LYS B 96 -26.03 12.20 26.01
N VAL B 97 -25.18 11.75 25.08
CA VAL B 97 -25.50 10.55 24.30
C VAL B 97 -25.62 9.35 25.23
N LEU B 98 -24.66 9.17 26.13
CA LEU B 98 -24.66 8.02 27.01
C LEU B 98 -25.82 8.07 27.99
N ALA B 99 -26.21 9.28 28.42
CA ALA B 99 -27.35 9.42 29.32
C ALA B 99 -28.63 8.91 28.67
N ASP B 100 -28.81 9.17 27.37
CA ASP B 100 -30.04 8.79 26.69
C ASP B 100 -29.99 7.34 26.21
N PHE B 101 -28.85 6.89 25.68
CA PHE B 101 -28.78 5.57 25.06
C PHE B 101 -28.10 4.51 25.91
N GLY B 102 -27.38 4.89 26.96
CA GLY B 102 -26.82 3.90 27.86
C GLY B 102 -25.44 3.44 27.44
N LYS B 103 -25.17 3.47 26.14
CA LYS B 103 -23.94 2.93 25.57
C LYS B 103 -23.87 3.33 24.11
N VAL B 104 -22.66 3.20 23.55
CA VAL B 104 -22.45 3.36 22.12
C VAL B 104 -21.63 2.17 21.64
N ASP B 105 -22.21 1.35 20.76
CA ASP B 105 -21.55 0.18 20.20
C ASP B 105 -20.79 0.50 18.92
N VAL B 106 -21.29 1.48 18.17
CA VAL B 106 -20.84 1.75 16.81
C VAL B 106 -20.55 3.24 16.73
N LEU B 107 -19.32 3.60 16.36
CA LEU B 107 -18.91 4.99 16.26
C LEU B 107 -18.44 5.25 14.84
N ILE B 108 -19.06 6.23 14.18
CA ILE B 108 -18.66 6.65 12.83
C ILE B 108 -18.07 8.04 12.96
N ASN B 109 -16.75 8.13 12.80
CA ASN B 109 -16.06 9.43 12.79
C ASN B 109 -16.14 9.96 11.36
N ASN B 110 -17.19 10.73 11.10
CA ASN B 110 -17.51 11.21 9.75
C ASN B 110 -17.41 12.73 9.61
N ALA B 111 -17.56 13.50 10.69
CA ALA B 111 -17.45 14.95 10.57
C ALA B 111 -16.12 15.33 9.93
N GLY B 112 -16.13 16.36 9.07
CA GLY B 112 -14.92 16.76 8.39
C GLY B 112 -15.12 18.03 7.59
N ILE B 113 -13.99 18.74 7.37
CA ILE B 113 -13.99 19.97 6.59
C ILE B 113 -12.77 20.00 5.68
N THR B 114 -12.84 20.89 4.69
CA THR B 114 -11.68 21.27 3.91
C THR B 114 -11.42 22.76 4.08
N ARG B 115 -10.17 23.14 3.84
CA ARG B 115 -9.71 24.53 3.80
CA ARG B 115 -9.72 24.53 3.80
C ARG B 115 -8.61 24.57 2.74
N ASP B 116 -9.02 24.49 1.47
CA ASP B 116 -8.07 24.32 0.38
C ASP B 116 -7.26 25.58 0.11
N ALA B 117 -5.98 25.38 -0.21
CA ALA B 117 -5.07 26.44 -0.63
C ALA B 117 -3.81 25.77 -1.13
N THR B 118 -3.15 26.37 -2.12
CA THR B 118 -1.82 25.87 -2.45
C THR B 118 -0.95 25.99 -1.21
N PHE B 119 0.05 25.11 -1.10
CA PHE B 119 0.94 25.18 0.06
C PHE B 119 1.57 26.56 0.18
N MET B 120 2.02 27.12 -0.95
CA MET B 120 2.62 28.46 -0.96
C MET B 120 1.70 29.49 -0.30
N LYS B 121 0.39 29.38 -0.54
CA LYS B 121 -0.57 30.38 -0.06
C LYS B 121 -1.27 29.97 1.24
N MET B 122 -1.14 28.72 1.68
CA MET B 122 -1.87 28.23 2.84
C MET B 122 -1.44 28.95 4.12
N THR B 123 -2.41 29.28 4.96
CA THR B 123 -2.13 29.94 6.23
C THR B 123 -2.07 28.92 7.36
N LYS B 124 -1.46 29.33 8.47
CA LYS B 124 -1.47 28.48 9.66
C LYS B 124 -2.90 28.16 10.09
N GLY B 125 -3.81 29.13 9.92
CA GLY B 125 -5.20 28.88 10.28
C GLY B 125 -5.87 27.87 9.38
N ASP B 126 -5.57 27.91 8.06
CA ASP B 126 -6.05 26.87 7.15
C ASP B 126 -5.57 25.48 7.60
N TRP B 127 -4.29 25.38 7.93
CA TRP B 127 -3.72 24.11 8.36
C TRP B 127 -4.39 23.64 9.65
N ASP B 128 -4.39 24.51 10.68
CA ASP B 128 -4.88 24.12 12.00
C ASP B 128 -6.36 23.73 11.97
N ALA B 129 -7.17 24.47 11.20
CA ALA B 129 -8.60 24.18 11.18
C ALA B 129 -8.84 22.75 10.70
N VAL B 130 -8.19 22.37 9.60
CA VAL B 130 -8.37 21.02 9.06
C VAL B 130 -7.77 19.97 9.99
N MET B 131 -6.58 20.23 10.53
CA MET B 131 -5.93 19.25 11.41
C MET B 131 -6.77 19.00 12.66
N ARG B 132 -7.28 20.06 13.28
CA ARG B 132 -8.01 19.90 14.54
C ARG B 132 -9.37 19.27 14.30
N THR B 133 -10.04 19.61 13.21
CA THR B 133 -11.34 19.01 12.96
C THR B 133 -11.22 17.58 12.44
N ASP B 134 -10.35 17.37 11.46
CA ASP B 134 -10.34 16.11 10.73
C ASP B 134 -9.48 15.04 11.39
N LEU B 135 -8.36 15.41 12.02
CA LEU B 135 -7.49 14.42 12.62
C LEU B 135 -7.59 14.38 14.14
N ASP B 136 -7.61 15.53 14.83
CA ASP B 136 -7.75 15.50 16.29
C ASP B 136 -9.06 14.85 16.73
N ALA B 137 -10.09 14.91 15.87
CA ALA B 137 -11.36 14.24 16.20
C ALA B 137 -11.15 12.76 16.51
N MET B 138 -10.18 12.11 15.86
CA MET B 138 -9.88 10.72 16.19
C MET B 138 -9.67 10.54 17.69
N PHE B 139 -8.92 11.46 18.30
CA PHE B 139 -8.71 11.42 19.74
C PHE B 139 -9.92 11.97 20.48
N ASN B 140 -10.36 13.18 20.13
CA ASN B 140 -11.36 13.87 20.95
C ASN B 140 -12.66 13.07 21.02
N VAL B 141 -13.10 12.49 19.90
CA VAL B 141 -14.38 11.77 19.90
C VAL B 141 -14.20 10.36 20.43
N THR B 142 -13.26 9.59 19.87
CA THR B 142 -13.16 8.17 20.23
C THR B 142 -12.79 7.97 21.69
N LYS B 143 -12.01 8.88 22.29
CA LYS B 143 -11.70 8.76 23.72
C LYS B 143 -12.95 8.67 24.58
N GLN B 144 -14.05 9.28 24.15
CA GLN B 144 -15.26 9.31 24.98
C GLN B 144 -16.04 8.00 24.95
N PHE B 145 -15.78 7.11 23.99
CA PHE B 145 -16.60 5.92 23.83
C PHE B 145 -15.81 4.62 23.87
N ILE B 146 -14.48 4.68 23.90
CA ILE B 146 -13.70 3.46 23.76
C ILE B 146 -13.80 2.59 25.01
N ALA B 147 -13.92 3.20 26.19
CA ALA B 147 -13.91 2.40 27.42
C ALA B 147 -15.12 1.46 27.47
N GLY B 148 -16.29 1.95 27.08
CA GLY B 148 -17.48 1.10 27.11
C GLY B 148 -17.39 -0.05 26.14
N MET B 149 -16.85 0.20 24.94
CA MET B 149 -16.66 -0.87 23.96
C MET B 149 -15.72 -1.93 24.51
N VAL B 150 -14.59 -1.51 25.09
CA VAL B 150 -13.65 -2.46 25.66
C VAL B 150 -14.31 -3.25 26.79
N GLU B 151 -15.06 -2.55 27.65
CA GLU B 151 -15.71 -3.22 28.77
C GLU B 151 -16.72 -4.27 28.31
N ARG B 152 -17.46 -3.98 27.25
CA ARG B 152 -18.49 -4.88 26.77
C ARG B 152 -17.98 -5.90 25.77
N ARG B 153 -16.71 -5.79 25.37
CA ARG B 153 -16.08 -6.67 24.37
C ARG B 153 -16.86 -6.67 23.05
N PHE B 154 -17.33 -5.49 22.65
CA PHE B 154 -17.88 -5.32 21.32
C PHE B 154 -17.73 -3.88 20.87
N GLY B 155 -17.36 -3.69 19.61
CA GLY B 155 -17.38 -2.36 19.04
C GLY B 155 -17.12 -2.35 17.56
N ARG B 156 -17.62 -1.30 16.90
CA ARG B 156 -17.27 -1.00 15.52
C ARG B 156 -16.91 0.46 15.47
N ILE B 157 -15.70 0.77 15.02
CA ILE B 157 -15.27 2.15 14.81
C ILE B 157 -14.90 2.28 13.34
N VAL B 158 -15.59 3.18 12.64
CA VAL B 158 -15.33 3.43 11.23
C VAL B 158 -14.95 4.90 11.08
N ASN B 159 -13.76 5.13 10.52
CA ASN B 159 -13.22 6.47 10.34
C ASN B 159 -13.26 6.82 8.86
N ILE B 160 -13.88 7.95 8.51
CA ILE B 160 -14.02 8.34 7.11
C ILE B 160 -12.75 9.06 6.67
N GLY B 161 -12.02 8.45 5.74
CA GLY B 161 -10.85 9.05 5.14
C GLY B 161 -11.24 9.70 3.82
N SER B 162 -10.35 9.59 2.83
CA SER B 162 -10.60 10.17 1.52
C SER B 162 -9.64 9.57 0.52
N VAL B 163 -10.12 9.41 -0.72
CA VAL B 163 -9.22 9.05 -1.80
C VAL B 163 -8.03 10.01 -1.85
N ASN B 164 -8.23 11.25 -1.41
CA ASN B 164 -7.15 12.23 -1.49
C ASN B 164 -6.12 12.06 -0.39
N GLY B 165 -6.42 11.31 0.67
CA GLY B 165 -5.37 10.83 1.55
C GLY B 165 -4.47 9.80 0.88
N SER B 166 -5.01 9.05 -0.08
CA SER B 166 -4.21 8.02 -0.73
C SER B 166 -3.36 8.58 -1.86
N ARG B 167 -3.93 9.43 -2.70
CA ARG B 167 -3.17 9.90 -3.86
C ARG B 167 -2.58 11.29 -3.67
N GLY B 168 -2.96 12.01 -2.62
CA GLY B 168 -2.57 13.40 -2.48
C GLY B 168 -3.36 14.25 -3.47
N ALA B 169 -3.46 15.56 -3.22
CA ALA B 169 -4.30 16.37 -4.09
C ALA B 169 -3.83 17.80 -4.03
N PHE B 170 -3.69 18.41 -5.21
CA PHE B 170 -3.38 19.83 -5.33
C PHE B 170 -4.29 20.64 -4.42
N GLY B 171 -3.68 21.56 -3.65
CA GLY B 171 -4.44 22.45 -2.80
C GLY B 171 -4.87 21.86 -1.48
N GLN B 172 -4.43 20.65 -1.14
CA GLN B 172 -4.95 19.96 0.02
C GLN B 172 -3.84 19.41 0.88
N ALA B 173 -2.75 20.18 1.06
CA ALA B 173 -1.66 19.72 1.91
C ALA B 173 -2.17 19.41 3.32
N ASN B 174 -3.10 20.23 3.80
CA ASN B 174 -3.67 20.01 5.14
C ASN B 174 -4.63 18.82 5.14
N TYR B 175 -5.56 18.79 4.18
CA TYR B 175 -6.59 17.75 4.16
C TYR B 175 -6.01 16.37 3.84
N ALA B 176 -5.11 16.29 2.85
CA ALA B 176 -4.50 15.01 2.52
C ALA B 176 -3.69 14.48 3.69
N SER B 177 -2.98 15.35 4.41
CA SER B 177 -2.23 14.93 5.59
CA SER B 177 -2.22 14.92 5.58
C SER B 177 -3.16 14.41 6.68
N ALA B 178 -4.23 15.16 6.96
CA ALA B 178 -5.16 14.75 8.00
C ALA B 178 -5.80 13.41 7.64
N LYS B 179 -6.24 13.26 6.39
CA LYS B 179 -6.93 12.05 5.98
C LYS B 179 -5.97 10.85 5.95
N ALA B 180 -4.72 11.08 5.54
CA ALA B 180 -3.72 10.01 5.63
C ALA B 180 -3.43 9.66 7.09
N GLY B 181 -3.35 10.67 7.97
CA GLY B 181 -3.12 10.40 9.38
C GLY B 181 -4.21 9.58 10.02
N ILE B 182 -5.46 9.74 9.55
CA ILE B 182 -6.57 8.97 10.09
C ILE B 182 -6.30 7.47 9.96
N HIS B 183 -5.67 7.05 8.86
CA HIS B 183 -5.49 5.62 8.73
C HIS B 183 -4.37 5.10 9.62
N GLY B 184 -3.35 5.93 9.93
CA GLY B 184 -2.41 5.56 10.97
C GLY B 184 -3.09 5.33 12.31
N PHE B 185 -4.07 6.19 12.63
CA PHE B 185 -4.86 6.01 13.84
C PHE B 185 -5.66 4.72 13.80
N THR B 186 -6.34 4.47 12.67
CA THR B 186 -7.10 3.25 12.50
C THR B 186 -6.26 2.02 12.79
N LYS B 187 -5.08 1.94 12.19
CA LYS B 187 -4.27 0.74 12.32
C LYS B 187 -3.83 0.52 13.77
N THR B 188 -3.41 1.59 14.44
CA THR B 188 -2.98 1.46 15.83
C THR B 188 -4.14 1.02 16.72
N LEU B 189 -5.29 1.70 16.59
CA LEU B 189 -6.40 1.36 17.47
C LEU B 189 -6.93 -0.04 17.16
N ALA B 190 -6.91 -0.46 15.89
CA ALA B 190 -7.26 -1.82 15.56
C ALA B 190 -6.37 -2.81 16.32
N LEU B 191 -5.06 -2.57 16.32
CA LEU B 191 -4.14 -3.48 17.04
C LEU B 191 -4.46 -3.51 18.53
N GLU B 192 -4.76 -2.35 19.12
CA GLU B 192 -4.97 -2.29 20.56
C GLU B 192 -6.28 -2.91 21.00
N THR B 193 -7.27 -2.99 20.10
CA THR B 193 -8.61 -3.42 20.48
C THR B 193 -8.99 -4.78 19.91
N ALA B 194 -8.13 -5.40 19.10
CA ALA B 194 -8.54 -6.59 18.34
C ALA B 194 -8.90 -7.77 19.24
N LYS B 195 -8.30 -7.87 20.43
CA LYS B 195 -8.62 -8.99 21.32
C LYS B 195 -9.82 -8.70 22.20
N ARG B 196 -10.47 -7.54 22.03
CA ARG B 196 -11.64 -7.17 22.82
C ARG B 196 -12.88 -7.03 21.95
N GLY B 197 -12.93 -7.72 20.81
CA GLY B 197 -14.16 -7.76 20.04
C GLY B 197 -14.51 -6.48 19.30
N ILE B 198 -13.54 -5.58 19.14
CA ILE B 198 -13.73 -4.31 18.46
C ILE B 198 -13.00 -4.35 17.14
N THR B 199 -13.62 -3.79 16.09
CA THR B 199 -12.89 -3.55 14.85
C THR B 199 -12.81 -2.05 14.59
N VAL B 200 -11.72 -1.66 13.93
CA VAL B 200 -11.46 -0.27 13.57
C VAL B 200 -11.00 -0.26 12.12
N ASN B 201 -11.70 0.49 11.28
CA ASN B 201 -11.42 0.51 9.85
C ASN B 201 -11.57 1.92 9.30
N THR B 202 -10.85 2.18 8.21
CA THR B 202 -10.97 3.42 7.46
C THR B 202 -11.79 3.12 6.21
N VAL B 203 -12.74 4.00 5.89
CA VAL B 203 -13.43 3.97 4.61
C VAL B 203 -13.02 5.22 3.86
N SER B 204 -12.48 5.06 2.65
CA SER B 204 -11.94 6.17 1.87
C SER B 204 -12.76 6.34 0.61
N PRO B 205 -13.76 7.22 0.63
CA PRO B 205 -14.57 7.47 -0.57
C PRO B 205 -13.85 8.33 -1.58
N GLY B 206 -14.24 8.15 -2.84
CA GLY B 206 -13.94 9.09 -3.88
C GLY B 206 -14.95 10.22 -3.87
N TYR B 207 -15.04 10.90 -5.00
CA TYR B 207 -15.88 12.09 -5.06
C TYR B 207 -17.35 11.70 -5.07
N LEU B 208 -18.12 12.32 -4.17
CA LEU B 208 -19.52 11.96 -3.94
C LEU B 208 -20.46 13.06 -4.40
N ALA B 209 -21.66 12.63 -4.80
CA ALA B 209 -22.76 13.52 -5.11
C ALA B 209 -23.32 14.12 -3.84
N THR B 210 -22.56 15.01 -3.21
CA THR B 210 -23.03 15.80 -2.07
C THR B 210 -23.32 17.22 -2.55
N ALA B 211 -23.88 18.03 -1.65
CA ALA B 211 -24.18 19.42 -1.98
C ALA B 211 -22.88 20.23 -2.05
N VAL B 220 -18.72 22.23 -13.92
CA VAL B 220 -17.32 22.02 -14.27
C VAL B 220 -16.93 20.57 -13.94
N LEU B 221 -17.89 19.82 -13.38
CA LEU B 221 -17.62 18.42 -13.07
C LEU B 221 -17.26 17.63 -14.33
N GLU B 222 -17.82 18.02 -15.47
CA GLU B 222 -17.58 17.27 -16.71
C GLU B 222 -16.14 17.43 -17.21
N ALA B 223 -15.52 18.58 -16.95
CA ALA B 223 -14.16 18.82 -17.43
C ALA B 223 -13.09 18.50 -16.40
N LYS B 224 -13.38 18.67 -15.11
CA LYS B 224 -12.35 18.56 -14.07
C LYS B 224 -12.43 17.27 -13.28
N ILE B 225 -13.59 16.92 -12.75
CA ILE B 225 -13.70 15.80 -11.81
C ILE B 225 -14.02 14.50 -12.52
N LEU B 226 -15.09 14.48 -13.32
CA LEU B 226 -15.54 13.22 -13.91
C LEU B 226 -14.48 12.50 -14.73
N PRO B 227 -13.62 13.16 -15.52
CA PRO B 227 -12.63 12.40 -16.30
C PRO B 227 -11.65 11.61 -15.45
N GLN B 228 -11.49 11.94 -14.17
CA GLN B 228 -10.61 11.21 -13.29
C GLN B 228 -11.28 9.98 -12.68
N ILE B 229 -12.57 9.76 -12.91
CA ILE B 229 -13.32 8.67 -12.30
C ILE B 229 -13.64 7.65 -13.39
N PRO B 230 -13.00 6.48 -13.38
CA PRO B 230 -13.27 5.50 -14.44
C PRO B 230 -14.73 5.14 -14.61
N VAL B 231 -15.50 4.98 -13.52
CA VAL B 231 -16.91 4.63 -13.70
C VAL B 231 -17.73 5.78 -14.27
N GLY B 232 -17.16 6.98 -14.35
CA GLY B 232 -17.79 8.06 -15.10
C GLY B 232 -18.95 8.74 -14.42
N ARG B 233 -19.08 8.60 -13.11
CA ARG B 233 -20.13 9.24 -12.33
C ARG B 233 -19.58 9.50 -10.95
N LEU B 234 -20.19 10.46 -10.25
CA LEU B 234 -19.90 10.62 -8.84
C LEU B 234 -20.49 9.46 -8.04
N GLY B 235 -19.93 9.23 -6.86
CA GLY B 235 -20.48 8.21 -5.98
C GLY B 235 -21.70 8.70 -5.24
N ARG B 236 -22.59 7.78 -4.92
CA ARG B 236 -23.76 8.16 -4.13
C ARG B 236 -23.46 7.99 -2.66
N PRO B 237 -23.80 8.97 -1.81
CA PRO B 237 -23.61 8.76 -0.36
C PRO B 237 -24.21 7.46 0.14
N ASP B 238 -25.35 7.03 -0.40
CA ASP B 238 -25.98 5.79 0.05
C ASP B 238 -25.10 4.57 -0.23
N GLU B 239 -24.33 4.59 -1.32
CA GLU B 239 -23.43 3.47 -1.63
C GLU B 239 -22.36 3.32 -0.55
N VAL B 240 -21.73 4.44 -0.20
CA VAL B 240 -20.73 4.45 0.87
C VAL B 240 -21.37 4.01 2.18
N ALA B 241 -22.58 4.50 2.45
CA ALA B 241 -23.28 4.12 3.68
C ALA B 241 -23.57 2.62 3.72
N ALA B 242 -23.87 2.03 2.56
CA ALA B 242 -24.12 0.60 2.50
C ALA B 242 -22.87 -0.20 2.84
N LEU B 243 -21.70 0.24 2.36
CA LEU B 243 -20.47 -0.43 2.73
C LEU B 243 -20.19 -0.29 4.22
N ILE B 244 -20.45 0.90 4.77
CA ILE B 244 -20.24 1.12 6.20
C ILE B 244 -21.17 0.23 7.01
N ALA B 245 -22.43 0.10 6.57
CA ALA B 245 -23.36 -0.77 7.29
C ALA B 245 -22.85 -2.21 7.31
N PHE B 246 -22.25 -2.66 6.22
CA PHE B 246 -21.64 -3.99 6.24
C PHE B 246 -20.54 -4.08 7.29
N LEU B 247 -19.64 -3.08 7.32
CA LEU B 247 -18.53 -3.12 8.27
C LEU B 247 -19.00 -3.10 9.71
N CYS B 248 -20.16 -2.48 9.98
CA CYS B 248 -20.68 -2.41 11.33
C CYS B 248 -21.49 -3.65 11.73
N SER B 249 -21.63 -4.62 10.83
CA SER B 249 -22.46 -5.79 11.08
C SER B 249 -21.67 -6.90 11.76
N ASP B 250 -22.41 -7.92 12.21
CA ASP B 250 -21.82 -9.12 12.82
C ASP B 250 -21.07 -9.98 11.82
N ASP B 251 -21.10 -9.65 10.53
CA ASP B 251 -20.37 -10.42 9.54
C ASP B 251 -18.99 -9.84 9.24
N ALA B 252 -18.62 -8.72 9.86
CA ALA B 252 -17.39 -8.03 9.52
C ALA B 252 -16.36 -8.05 10.65
N GLY B 253 -16.48 -8.99 11.58
CA GLY B 253 -15.55 -9.02 12.71
C GLY B 253 -14.13 -9.41 12.35
N PHE B 254 -13.91 -9.94 11.14
CA PHE B 254 -12.57 -10.28 10.67
C PHE B 254 -11.99 -9.19 9.77
N VAL B 255 -12.66 -8.06 9.60
CA VAL B 255 -12.10 -6.91 8.91
C VAL B 255 -11.64 -5.92 9.97
N THR B 256 -10.32 -5.73 10.11
CA THR B 256 -9.89 -4.68 11.03
C THR B 256 -8.53 -4.14 10.60
N GLY B 257 -8.33 -2.85 10.86
CA GLY B 257 -7.14 -2.15 10.40
C GLY B 257 -7.09 -1.94 8.92
N ALA B 258 -8.20 -2.14 8.21
CA ALA B 258 -8.19 -2.04 6.76
C ALA B 258 -8.56 -0.64 6.31
N ASP B 259 -8.22 -0.34 5.06
CA ASP B 259 -8.63 0.89 4.39
C ASP B 259 -9.44 0.45 3.18
N LEU B 260 -10.75 0.65 3.23
CA LEU B 260 -11.66 0.18 2.19
CA LEU B 260 -11.64 0.17 2.19
C LEU B 260 -11.91 1.30 1.20
N ALA B 261 -11.46 1.12 -0.03
CA ALA B 261 -11.51 2.16 -1.06
C ALA B 261 -12.81 2.06 -1.83
N ILE B 262 -13.58 3.16 -1.85
CA ILE B 262 -14.82 3.19 -2.63
C ILE B 262 -14.80 4.48 -3.44
N ASN B 263 -14.08 4.44 -4.57
CA ASN B 263 -13.72 5.68 -5.27
C ASN B 263 -13.99 5.61 -6.78
N GLY B 264 -14.76 4.63 -7.25
CA GLY B 264 -15.09 4.53 -8.66
C GLY B 264 -13.92 4.22 -9.55
N GLY B 265 -12.82 3.76 -8.97
CA GLY B 265 -11.59 3.50 -9.71
C GLY B 265 -10.66 4.68 -9.80
N MET B 266 -10.96 5.80 -9.14
CA MET B 266 -10.13 6.99 -9.25
CA MET B 266 -10.13 6.99 -9.25
C MET B 266 -8.70 6.74 -8.77
N HIS B 267 -8.51 5.87 -7.78
CA HIS B 267 -7.18 5.51 -7.30
C HIS B 267 -7.16 4.01 -7.08
N MET B 268 -6.08 3.38 -7.57
CA MET B 268 -5.79 1.98 -7.36
C MET B 268 -4.32 1.89 -6.97
N SER B 269 -3.96 0.83 -6.27
CA SER B 269 -2.57 0.65 -5.87
C SER B 269 -2.22 -0.82 -5.64
N LYS C 25 -33.32 -12.00 -12.73
CA LYS C 25 -32.57 -12.83 -11.79
C LYS C 25 -31.07 -12.90 -12.09
N ARG C 26 -30.25 -12.40 -11.17
CA ARG C 26 -28.82 -12.37 -11.37
CA ARG C 26 -28.81 -12.38 -11.33
C ARG C 26 -28.24 -13.79 -11.31
N VAL C 27 -27.34 -14.08 -12.23
CA VAL C 27 -26.69 -15.39 -12.33
C VAL C 27 -25.25 -15.27 -11.89
N ALA C 28 -24.84 -16.12 -10.94
CA ALA C 28 -23.45 -16.16 -10.48
C ALA C 28 -22.81 -17.48 -10.87
N PHE C 29 -21.52 -17.43 -11.20
CA PHE C 29 -20.70 -18.61 -11.42
C PHE C 29 -19.50 -18.54 -10.49
N VAL C 30 -19.34 -19.55 -9.63
CA VAL C 30 -18.31 -19.58 -8.58
C VAL C 30 -17.36 -20.72 -8.90
N THR C 31 -16.12 -20.40 -9.30
CA THR C 31 -15.16 -21.49 -9.48
C THR C 31 -14.68 -21.98 -8.12
N GLY C 32 -14.37 -23.28 -8.06
CA GLY C 32 -14.10 -23.86 -6.75
C GLY C 32 -15.29 -23.77 -5.83
N GLY C 33 -16.50 -23.79 -6.38
CA GLY C 33 -17.73 -23.53 -5.64
C GLY C 33 -18.10 -24.60 -4.63
N MET C 34 -17.44 -25.75 -4.65
CA MET C 34 -17.67 -26.80 -3.66
C MET C 34 -16.58 -26.89 -2.60
N GLY C 35 -15.53 -26.08 -2.69
CA GLY C 35 -14.48 -26.09 -1.69
C GLY C 35 -14.88 -25.34 -0.43
N GLY C 36 -13.89 -25.11 0.44
CA GLY C 36 -14.12 -24.48 1.72
C GLY C 36 -14.71 -23.07 1.60
N LEU C 37 -13.95 -22.15 1.00
CA LEU C 37 -14.47 -20.80 0.82
C LEU C 37 -15.56 -20.77 -0.24
N GLY C 38 -15.40 -21.56 -1.31
CA GLY C 38 -16.33 -21.50 -2.43
C GLY C 38 -17.75 -21.91 -2.06
N ALA C 39 -17.90 -22.95 -1.24
CA ALA C 39 -19.24 -23.34 -0.82
C ALA C 39 -19.92 -22.24 -0.02
N ALA C 40 -19.18 -21.58 0.87
CA ALA C 40 -19.76 -20.49 1.65
C ALA C 40 -20.18 -19.34 0.74
N ILE C 41 -19.36 -19.03 -0.26
CA ILE C 41 -19.72 -18.00 -1.23
C ILE C 41 -21.00 -18.38 -1.97
N SER C 42 -21.05 -19.62 -2.47
CA SER C 42 -22.21 -20.05 -3.24
C SER C 42 -23.49 -19.94 -2.42
N ARG C 43 -23.44 -20.34 -1.14
CA ARG C 43 -24.61 -20.23 -0.27
C ARG C 43 -25.03 -18.78 -0.06
N ARG C 44 -24.07 -17.88 0.18
CA ARG C 44 -24.42 -16.48 0.40
C ARG C 44 -25.04 -15.85 -0.84
N LEU C 45 -24.47 -16.12 -2.02
CA LEU C 45 -25.04 -15.54 -3.24
C LEU C 45 -26.42 -16.12 -3.53
N HIS C 46 -26.62 -17.42 -3.30
CA HIS C 46 -27.95 -18.00 -3.42
CA HIS C 46 -27.95 -18.00 -3.42
C HIS C 46 -28.93 -17.32 -2.48
N ASP C 47 -28.53 -17.12 -1.22
CA ASP C 47 -29.42 -16.51 -0.23
C ASP C 47 -29.69 -15.06 -0.54
N ALA C 48 -28.83 -14.40 -1.29
CA ALA C 48 -29.09 -13.05 -1.79
C ALA C 48 -30.06 -13.05 -2.96
N GLY C 49 -30.53 -14.21 -3.40
CA GLY C 49 -31.50 -14.30 -4.47
C GLY C 49 -30.93 -14.60 -5.85
N MET C 50 -29.65 -14.92 -5.96
CA MET C 50 -29.07 -15.20 -7.26
C MET C 50 -29.25 -16.66 -7.63
N ALA C 51 -29.29 -16.91 -8.94
CA ALA C 51 -29.20 -18.28 -9.45
C ALA C 51 -27.72 -18.62 -9.56
N VAL C 52 -27.30 -19.71 -8.92
CA VAL C 52 -25.88 -19.95 -8.72
C VAL C 52 -25.45 -21.23 -9.43
N ALA C 53 -24.41 -21.11 -10.26
CA ALA C 53 -23.72 -22.23 -10.87
C ALA C 53 -22.36 -22.35 -10.21
N VAL C 54 -21.94 -23.58 -9.92
CA VAL C 54 -20.63 -23.79 -9.31
C VAL C 54 -19.79 -24.63 -10.25
N SER C 55 -18.47 -24.41 -10.22
CA SER C 55 -17.58 -25.32 -10.91
C SER C 55 -17.10 -26.41 -9.95
N HIS C 56 -16.65 -27.53 -10.52
CA HIS C 56 -15.93 -28.55 -9.79
C HIS C 56 -14.75 -29.03 -10.64
N SER C 57 -13.71 -29.50 -9.98
CA SER C 57 -12.58 -30.04 -10.70
C SER C 57 -12.99 -31.33 -11.43
N GLU C 58 -12.19 -31.70 -12.43
CA GLU C 58 -12.59 -32.80 -13.30
C GLU C 58 -12.69 -34.12 -12.53
N ARG C 59 -11.80 -34.37 -11.59
CA ARG C 59 -11.77 -35.61 -10.82
C ARG C 59 -12.42 -35.50 -9.45
N ASN C 60 -13.13 -34.40 -9.16
CA ASN C 60 -13.95 -34.29 -7.96
C ASN C 60 -14.89 -35.49 -7.87
N ASP C 61 -14.73 -36.30 -6.82
CA ASP C 61 -15.46 -37.56 -6.73
C ASP C 61 -16.72 -37.47 -5.88
N HIS C 62 -17.20 -36.26 -5.58
CA HIS C 62 -18.33 -36.13 -4.67
C HIS C 62 -19.34 -35.09 -5.15
N VAL C 63 -19.43 -34.88 -6.46
CA VAL C 63 -20.35 -33.88 -7.00
C VAL C 63 -21.79 -34.18 -6.63
N SER C 64 -22.24 -35.41 -6.88
CA SER C 64 -23.63 -35.78 -6.63
C SER C 64 -23.99 -35.62 -5.16
N THR C 65 -23.12 -36.10 -4.26
CA THR C 65 -23.41 -36.02 -2.84
C THR C 65 -23.40 -34.57 -2.35
N TRP C 66 -22.47 -33.76 -2.84
CA TRP C 66 -22.43 -32.35 -2.44
C TRP C 66 -23.72 -31.65 -2.84
N LEU C 67 -24.17 -31.86 -4.08
CA LEU C 67 -25.39 -31.21 -4.55
C LEU C 67 -26.59 -31.66 -3.74
N MET C 68 -26.67 -32.96 -3.43
CA MET C 68 -27.80 -33.48 -2.66
C MET C 68 -27.86 -32.83 -1.28
N HIS C 69 -26.71 -32.72 -0.61
CA HIS C 69 -26.71 -32.15 0.72
C HIS C 69 -27.10 -30.68 0.71
N GLU C 70 -26.62 -29.93 -0.29
CA GLU C 70 -27.05 -28.54 -0.42
C GLU C 70 -28.54 -28.46 -0.71
N ARG C 71 -29.05 -29.40 -1.51
CA ARG C 71 -30.48 -29.44 -1.81
C ARG C 71 -31.29 -29.73 -0.55
N ASP C 72 -30.86 -30.71 0.25
CA ASP C 72 -31.53 -31.00 1.51
C ASP C 72 -31.52 -29.79 2.43
N ALA C 73 -30.49 -28.94 2.32
CA ALA C 73 -30.40 -27.72 3.11
C ALA C 73 -31.19 -26.58 2.48
N GLY C 74 -31.91 -26.82 1.39
CA GLY C 74 -32.79 -25.83 0.80
C GLY C 74 -32.21 -24.99 -0.32
N ARG C 75 -31.13 -25.42 -0.97
CA ARG C 75 -30.49 -24.64 -2.02
C ARG C 75 -30.23 -25.50 -3.24
N ASP C 76 -30.76 -25.09 -4.40
CA ASP C 76 -30.59 -25.82 -5.65
C ASP C 76 -29.45 -25.20 -6.44
N PHE C 77 -28.35 -25.94 -6.57
CA PHE C 77 -27.19 -25.52 -7.34
C PHE C 77 -27.09 -26.35 -8.61
N LYS C 78 -26.44 -25.77 -9.62
CA LYS C 78 -26.03 -26.49 -10.81
C LYS C 78 -24.52 -26.52 -10.87
N ALA C 79 -23.94 -27.68 -11.21
CA ALA C 79 -22.50 -27.87 -11.15
C ALA C 79 -21.93 -28.18 -12.52
N TYR C 80 -20.68 -27.74 -12.74
CA TYR C 80 -20.01 -27.81 -14.04
C TYR C 80 -18.53 -28.13 -13.86
N ALA C 81 -18.03 -29.11 -14.62
CA ALA C 81 -16.61 -29.48 -14.55
C ALA C 81 -15.74 -28.45 -15.29
N VAL C 82 -14.57 -28.17 -14.73
CA VAL C 82 -13.63 -27.27 -15.38
C VAL C 82 -12.23 -27.52 -14.83
N ASP C 83 -11.23 -27.27 -15.67
CA ASP C 83 -9.84 -27.12 -15.25
C ASP C 83 -9.49 -25.65 -15.54
N VAL C 84 -9.42 -24.82 -14.49
CA VAL C 84 -9.21 -23.40 -14.71
C VAL C 84 -7.82 -23.09 -15.27
N ALA C 85 -6.90 -24.05 -15.22
CA ALA C 85 -5.59 -23.89 -15.82
C ALA C 85 -5.58 -24.16 -17.31
N ASP C 86 -6.71 -24.53 -17.92
CA ASP C 86 -6.76 -24.94 -19.31
C ASP C 86 -7.83 -24.14 -20.03
N PHE C 87 -7.41 -23.35 -21.03
CA PHE C 87 -8.30 -22.42 -21.71
C PHE C 87 -9.45 -23.16 -22.38
N GLU C 88 -9.15 -24.26 -23.09
CA GLU C 88 -10.21 -24.99 -23.79
C GLU C 88 -11.23 -25.57 -22.82
N SER C 89 -10.77 -26.05 -21.66
CA SER C 89 -11.70 -26.53 -20.66
C SER C 89 -12.63 -25.41 -20.21
N CYS C 90 -12.05 -24.22 -19.97
CA CYS C 90 -12.86 -23.07 -19.57
C CYS C 90 -13.88 -22.72 -20.63
N GLU C 91 -13.51 -22.88 -21.90
CA GLU C 91 -14.45 -22.63 -23.00
C GLU C 91 -15.64 -23.59 -22.95
N ARG C 92 -15.37 -24.90 -22.85
CA ARG C 92 -16.46 -25.88 -22.79
C ARG C 92 -17.36 -25.62 -21.60
N CYS C 93 -16.75 -25.38 -20.44
CA CYS C 93 -17.52 -25.12 -19.24
C CYS C 93 -18.43 -23.91 -19.42
N ALA C 94 -17.84 -22.79 -19.83
CA ALA C 94 -18.62 -21.56 -19.95
C ALA C 94 -19.75 -21.70 -20.97
N GLU C 95 -19.50 -22.39 -22.08
CA GLU C 95 -20.55 -22.58 -23.08
C GLU C 95 -21.74 -23.32 -22.48
N LYS C 96 -21.47 -24.34 -21.65
CA LYS C 96 -22.57 -25.08 -21.03
C LYS C 96 -23.26 -24.24 -19.96
N VAL C 97 -22.50 -23.50 -19.14
CA VAL C 97 -23.11 -22.61 -18.16
C VAL C 97 -24.03 -21.62 -18.86
N LEU C 98 -23.54 -20.98 -19.93
CA LEU C 98 -24.32 -19.97 -20.62
C LEU C 98 -25.52 -20.57 -21.35
N ALA C 99 -25.39 -21.81 -21.84
CA ALA C 99 -26.55 -22.47 -22.44
C ALA C 99 -27.64 -22.71 -21.40
N ASP C 100 -27.25 -23.07 -20.18
CA ASP C 100 -28.22 -23.40 -19.14
C ASP C 100 -28.85 -22.15 -18.54
N PHE C 101 -28.05 -21.11 -18.32
CA PHE C 101 -28.52 -19.92 -17.63
C PHE C 101 -28.74 -18.71 -18.54
N GLY C 102 -28.18 -18.71 -19.76
CA GLY C 102 -28.36 -17.61 -20.69
C GLY C 102 -27.42 -16.45 -20.51
N LYS C 103 -26.82 -16.29 -19.34
CA LYS C 103 -25.89 -15.19 -19.05
C LYS C 103 -25.21 -15.53 -17.74
N VAL C 104 -24.09 -14.86 -17.49
CA VAL C 104 -23.46 -14.84 -16.18
C VAL C 104 -23.22 -13.37 -15.82
N ASP C 105 -23.84 -12.93 -14.73
CA ASP C 105 -23.69 -11.54 -14.26
C ASP C 105 -22.55 -11.39 -13.26
N VAL C 106 -22.29 -12.44 -12.49
CA VAL C 106 -21.39 -12.40 -11.35
C VAL C 106 -20.42 -13.56 -11.49
N LEU C 107 -19.12 -13.27 -11.52
CA LEU C 107 -18.08 -14.27 -11.65
C LEU C 107 -17.17 -14.20 -10.44
N ILE C 108 -17.05 -15.30 -9.70
CA ILE C 108 -16.14 -15.37 -8.55
C ILE C 108 -14.98 -16.29 -8.95
N ASN C 109 -13.80 -15.72 -9.17
CA ASN C 109 -12.59 -16.49 -9.49
C ASN C 109 -11.96 -16.94 -8.18
N ASN C 110 -12.44 -18.08 -7.67
CA ASN C 110 -12.12 -18.57 -6.34
C ASN C 110 -11.28 -19.85 -6.33
N ALA C 111 -11.32 -20.66 -7.38
CA ALA C 111 -10.48 -21.86 -7.42
C ALA C 111 -9.02 -21.49 -7.18
N GLY C 112 -8.32 -22.32 -6.40
CA GLY C 112 -6.91 -22.06 -6.16
C GLY C 112 -6.28 -23.19 -5.36
N ILE C 113 -4.95 -23.27 -5.49
CA ILE C 113 -4.16 -24.30 -4.81
C ILE C 113 -2.87 -23.69 -4.28
N THR C 114 -2.22 -24.43 -3.38
CA THR C 114 -0.86 -24.15 -2.96
C THR C 114 0.02 -25.34 -3.24
N ARG C 115 1.31 -25.07 -3.45
CA ARG C 115 2.37 -26.09 -3.57
CA ARG C 115 2.36 -26.08 -3.58
C ARG C 115 3.57 -25.51 -2.83
N ASP C 116 3.52 -25.55 -1.50
CA ASP C 116 4.49 -24.84 -0.67
C ASP C 116 5.86 -25.53 -0.70
N ALA C 117 6.90 -24.71 -0.77
CA ALA C 117 8.29 -25.13 -0.60
C ALA C 117 9.13 -23.89 -0.42
N THR C 118 10.23 -24.02 0.34
CA THR C 118 11.21 -22.95 0.32
C THR C 118 11.74 -22.78 -1.09
N PHE C 119 12.21 -21.57 -1.41
CA PHE C 119 12.66 -21.31 -2.77
C PHE C 119 13.76 -22.28 -3.18
N MET C 120 14.68 -22.59 -2.26
CA MET C 120 15.77 -23.50 -2.57
C MET C 120 15.27 -24.90 -2.95
N LYS C 121 14.16 -25.34 -2.36
CA LYS C 121 13.63 -26.67 -2.62
C LYS C 121 12.54 -26.71 -3.68
N MET C 122 12.00 -25.55 -4.06
CA MET C 122 10.86 -25.49 -4.96
C MET C 122 11.25 -25.97 -6.36
N THR C 123 10.35 -26.74 -6.99
CA THR C 123 10.59 -27.23 -8.34
C THR C 123 9.82 -26.40 -9.36
N LYS C 124 10.22 -26.54 -10.63
CA LYS C 124 9.45 -25.90 -11.70
C LYS C 124 8.01 -26.38 -11.70
N GLY C 125 7.79 -27.66 -11.38
CA GLY C 125 6.43 -28.17 -11.26
C GLY C 125 5.62 -27.49 -10.16
N ASP C 126 6.22 -27.27 -8.99
CA ASP C 126 5.55 -26.52 -7.93
C ASP C 126 5.14 -25.14 -8.42
N TRP C 127 6.08 -24.46 -9.09
CA TRP C 127 5.86 -23.10 -9.55
C TRP C 127 4.76 -23.07 -10.62
N ASP C 128 4.90 -23.91 -11.66
CA ASP C 128 3.94 -23.89 -12.76
C ASP C 128 2.54 -24.26 -12.30
N ALA C 129 2.42 -25.26 -11.42
CA ALA C 129 1.09 -25.69 -11.01
C ALA C 129 0.33 -24.55 -10.33
N VAL C 130 1.00 -23.81 -9.45
CA VAL C 130 0.36 -22.68 -8.78
C VAL C 130 0.12 -21.54 -9.74
N MET C 131 1.07 -21.23 -10.62
CA MET C 131 0.90 -20.14 -11.58
C MET C 131 -0.28 -20.39 -12.51
N ARG C 132 -0.38 -21.61 -13.04
CA ARG C 132 -1.42 -21.91 -14.02
CA ARG C 132 -1.42 -21.91 -14.02
C ARG C 132 -2.80 -21.97 -13.38
N THR C 133 -2.90 -22.52 -12.18
CA THR C 133 -4.21 -22.63 -11.54
C THR C 133 -4.64 -21.30 -10.92
N ASP C 134 -3.71 -20.61 -10.27
CA ASP C 134 -4.07 -19.46 -9.45
C ASP C 134 -4.03 -18.14 -10.21
N LEU C 135 -3.17 -18.01 -11.22
CA LEU C 135 -3.06 -16.75 -11.96
C LEU C 135 -3.57 -16.87 -13.38
N ASP C 136 -3.17 -17.90 -14.13
CA ASP C 136 -3.69 -18.01 -15.49
C ASP C 136 -5.21 -18.13 -15.50
N ALA C 137 -5.80 -18.67 -14.43
CA ALA C 137 -7.26 -18.74 -14.35
C ALA C 137 -7.91 -17.38 -14.55
N MET C 138 -7.26 -16.29 -14.11
CA MET C 138 -7.83 -14.96 -14.32
C MET C 138 -8.12 -14.73 -15.80
N PHE C 139 -7.20 -15.18 -16.66
CA PHE C 139 -7.42 -15.07 -18.09
C PHE C 139 -8.36 -16.16 -18.59
N ASN C 140 -8.06 -17.42 -18.27
CA ASN C 140 -8.79 -18.55 -18.85
C ASN C 140 -10.28 -18.49 -18.55
N VAL C 141 -10.65 -18.14 -17.32
CA VAL C 141 -12.05 -18.15 -16.95
C VAL C 141 -12.73 -16.86 -17.40
N THR C 142 -12.16 -15.71 -17.05
CA THR C 142 -12.83 -14.43 -17.28
C THR C 142 -13.02 -14.16 -18.76
N LYS C 143 -12.09 -14.61 -19.60
CA LYS C 143 -12.24 -14.43 -21.05
C LYS C 143 -13.56 -15.00 -21.57
N GLN C 144 -14.09 -16.03 -20.92
CA GLN C 144 -15.28 -16.70 -21.42
C GLN C 144 -16.58 -15.96 -21.12
N PHE C 145 -16.55 -15.01 -20.17
CA PHE C 145 -17.75 -14.34 -19.69
C PHE C 145 -17.75 -12.84 -19.89
N ILE C 146 -16.61 -12.25 -20.23
CA ILE C 146 -16.50 -10.79 -20.23
C ILE C 146 -17.35 -10.18 -21.33
N ALA C 147 -17.43 -10.84 -22.50
CA ALA C 147 -18.16 -10.23 -23.61
C ALA C 147 -19.63 -10.02 -23.26
N GLY C 148 -20.25 -11.01 -22.60
CA GLY C 148 -21.65 -10.86 -22.23
C GLY C 148 -21.88 -9.77 -21.21
N MET C 149 -20.99 -9.66 -20.21
CA MET C 149 -21.12 -8.58 -19.23
C MET C 149 -20.99 -7.22 -19.89
N VAL C 150 -20.07 -7.08 -20.84
CA VAL C 150 -19.90 -5.81 -21.55
C VAL C 150 -21.14 -5.48 -22.37
N GLU C 151 -21.70 -6.48 -23.05
CA GLU C 151 -22.88 -6.25 -23.88
C GLU C 151 -24.10 -5.89 -23.04
N ARG C 152 -24.25 -6.50 -21.87
CA ARG C 152 -25.41 -6.25 -21.03
C ARG C 152 -25.20 -5.07 -20.08
N ARG C 153 -23.99 -4.50 -20.08
CA ARG C 153 -23.66 -3.35 -19.25
C ARG C 153 -23.88 -3.64 -17.77
N PHE C 154 -23.56 -4.86 -17.35
CA PHE C 154 -23.53 -5.19 -15.93
C PHE C 154 -22.55 -6.33 -15.69
N GLY C 155 -21.77 -6.21 -14.62
CA GLY C 155 -20.95 -7.33 -14.21
C GLY C 155 -20.37 -7.09 -12.84
N ARG C 156 -20.12 -8.18 -12.13
CA ARG C 156 -19.35 -8.19 -10.89
C ARG C 156 -18.34 -9.31 -11.04
N ILE C 157 -17.05 -8.95 -11.05
CA ILE C 157 -15.97 -9.91 -11.11
C ILE C 157 -15.19 -9.76 -9.82
N VAL C 158 -15.15 -10.81 -9.01
CA VAL C 158 -14.45 -10.81 -7.73
C VAL C 158 -13.38 -11.89 -7.80
N ASN C 159 -12.12 -11.47 -7.64
CA ASN C 159 -10.98 -12.36 -7.71
C ASN C 159 -10.42 -12.60 -6.32
N ILE C 160 -10.30 -13.86 -5.94
CA ILE C 160 -9.87 -14.21 -4.58
C ILE C 160 -8.35 -14.22 -4.54
N GLY C 161 -7.77 -13.24 -3.83
CA GLY C 161 -6.35 -13.16 -3.58
C GLY C 161 -6.00 -13.84 -2.28
N SER C 162 -5.09 -13.23 -1.51
CA SER C 162 -4.70 -13.74 -0.21
C SER C 162 -3.97 -12.64 0.55
N VAL C 163 -4.10 -12.68 1.88
CA VAL C 163 -3.19 -11.90 2.71
C VAL C 163 -1.74 -12.15 2.32
N ASN C 164 -1.41 -13.36 1.87
CA ASN C 164 -0.03 -13.67 1.53
C ASN C 164 0.38 -13.16 0.17
N GLY C 165 -0.52 -12.56 -0.59
CA GLY C 165 -0.10 -11.71 -1.67
C GLY C 165 0.33 -10.31 -1.25
N SER C 166 0.03 -9.93 0.00
CA SER C 166 0.41 -8.63 0.54
C SER C 166 1.60 -8.73 1.50
N ARG C 167 1.48 -9.55 2.54
CA ARG C 167 2.54 -9.74 3.51
C ARG C 167 3.61 -10.66 2.93
N GLY C 168 4.82 -10.60 3.48
CA GLY C 168 5.78 -11.60 3.08
C GLY C 168 5.30 -12.99 3.42
N ALA C 169 5.43 -13.97 2.50
CA ALA C 169 4.94 -15.32 2.75
C ALA C 169 6.06 -16.39 2.67
N PHE C 170 6.63 -16.74 3.82
CA PHE C 170 7.68 -17.75 3.87
C PHE C 170 7.21 -19.07 3.28
N GLY C 171 8.05 -19.66 2.42
CA GLY C 171 7.75 -20.94 1.80
C GLY C 171 6.71 -20.90 0.71
N GLN C 172 6.37 -19.72 0.17
CA GLN C 172 5.31 -19.58 -0.80
C GLN C 172 5.69 -18.63 -1.93
N ALA C 173 6.92 -18.71 -2.45
CA ALA C 173 7.30 -17.80 -3.52
C ALA C 173 6.34 -17.89 -4.70
N ASN C 174 5.85 -19.11 -5.00
CA ASN C 174 4.93 -19.29 -6.11
C ASN C 174 3.55 -18.72 -5.80
N TYR C 175 2.99 -19.09 -4.66
CA TYR C 175 1.65 -18.64 -4.28
C TYR C 175 1.60 -17.14 -4.06
N ALA C 176 2.62 -16.56 -3.38
CA ALA C 176 2.63 -15.12 -3.18
C ALA C 176 2.71 -14.38 -4.51
N SER C 177 3.51 -14.89 -5.46
CA SER C 177 3.59 -14.24 -6.76
C SER C 177 2.27 -14.32 -7.51
N ALA C 178 1.64 -15.50 -7.52
CA ALA C 178 0.36 -15.65 -8.21
C ALA C 178 -0.70 -14.75 -7.59
N LYS C 179 -0.79 -14.74 -6.25
CA LYS C 179 -1.84 -13.97 -5.60
C LYS C 179 -1.59 -12.47 -5.73
N ALA C 180 -0.33 -12.03 -5.68
CA ALA C 180 -0.04 -10.62 -5.93
C ALA C 180 -0.35 -10.26 -7.39
N GLY C 181 -0.06 -11.17 -8.31
CA GLY C 181 -0.35 -10.91 -9.71
C GLY C 181 -1.83 -10.71 -9.96
N ILE C 182 -2.69 -11.39 -9.20
CA ILE C 182 -4.14 -11.27 -9.38
C ILE C 182 -4.57 -9.81 -9.28
N HIS C 183 -3.99 -9.06 -8.35
CA HIS C 183 -4.47 -7.68 -8.21
C HIS C 183 -4.03 -6.81 -9.38
N GLY C 184 -2.90 -7.12 -10.01
CA GLY C 184 -2.56 -6.43 -11.25
C GLY C 184 -3.63 -6.64 -12.31
N PHE C 185 -4.12 -7.87 -12.42
CA PHE C 185 -5.20 -8.19 -13.34
C PHE C 185 -6.48 -7.44 -12.97
N THR C 186 -6.85 -7.49 -11.69
CA THR C 186 -8.02 -6.76 -11.21
C THR C 186 -8.01 -5.31 -11.67
N LYS C 187 -6.88 -4.64 -11.47
CA LYS C 187 -6.83 -3.19 -11.72
C LYS C 187 -6.96 -2.89 -13.21
N THR C 188 -6.28 -3.68 -14.05
CA THR C 188 -6.41 -3.46 -15.50
C THR C 188 -7.83 -3.70 -15.95
N LEU C 189 -8.42 -4.84 -15.58
CA LEU C 189 -9.77 -5.13 -16.05
C LEU C 189 -10.76 -4.12 -15.49
N ALA C 190 -10.56 -3.67 -14.25
CA ALA C 190 -11.40 -2.61 -13.71
C ALA C 190 -11.37 -1.37 -14.60
N LEU C 191 -10.18 -0.93 -15.01
CA LEU C 191 -10.08 0.25 -15.88
C LEU C 191 -10.76 0.01 -17.22
N GLU C 192 -10.59 -1.18 -17.80
CA GLU C 192 -11.12 -1.39 -19.15
C GLU C 192 -12.63 -1.52 -19.17
N THR C 193 -13.25 -1.88 -18.05
CA THR C 193 -14.68 -2.17 -18.02
C THR C 193 -15.50 -1.13 -17.27
N ALA C 194 -14.85 -0.09 -16.73
CA ALA C 194 -15.53 0.77 -15.76
C ALA C 194 -16.70 1.52 -16.37
N LYS C 195 -16.66 1.81 -17.67
CA LYS C 195 -17.76 2.51 -18.31
C LYS C 195 -18.89 1.58 -18.73
N ARG C 196 -18.78 0.27 -18.48
CA ARG C 196 -19.79 -0.69 -18.91
C ARG C 196 -20.55 -1.30 -17.74
N GLY C 197 -20.57 -0.63 -16.59
CA GLY C 197 -21.33 -1.13 -15.45
C GLY C 197 -20.78 -2.38 -14.82
N ILE C 198 -19.50 -2.67 -15.06
CA ILE C 198 -18.80 -3.83 -14.50
C ILE C 198 -17.84 -3.33 -13.44
N THR C 199 -17.81 -3.98 -12.29
CA THR C 199 -16.74 -3.78 -11.34
C THR C 199 -15.88 -5.03 -11.26
N VAL C 200 -14.60 -4.82 -10.96
CA VAL C 200 -13.63 -5.90 -10.80
C VAL C 200 -12.84 -5.59 -9.55
N ASN C 201 -12.83 -6.51 -8.58
CA ASN C 201 -12.18 -6.28 -7.31
C ASN C 201 -11.45 -7.54 -6.85
N THR C 202 -10.41 -7.34 -6.05
CA THR C 202 -9.72 -8.42 -5.36
C THR C 202 -10.23 -8.47 -3.92
N VAL C 203 -10.56 -9.66 -3.44
CA VAL C 203 -10.82 -9.89 -2.03
C VAL C 203 -9.67 -10.73 -1.51
N SER C 204 -9.00 -10.24 -0.47
CA SER C 204 -7.78 -10.86 0.05
C SER C 204 -8.06 -11.37 1.46
N PRO C 205 -8.47 -12.63 1.61
CA PRO C 205 -8.72 -13.19 2.95
C PRO C 205 -7.43 -13.51 3.68
N GLY C 206 -7.50 -13.40 5.00
CA GLY C 206 -6.50 -13.97 5.87
C GLY C 206 -6.73 -15.46 6.03
N TYR C 207 -6.09 -16.04 7.03
CA TYR C 207 -6.19 -17.48 7.23
C TYR C 207 -7.60 -17.87 7.69
N LEU C 208 -8.18 -18.86 7.02
CA LEU C 208 -9.56 -19.25 7.26
C LEU C 208 -9.66 -20.64 7.87
N ALA C 209 -10.74 -20.85 8.61
CA ALA C 209 -11.05 -22.17 9.18
C ALA C 209 -11.72 -23.00 8.09
N THR C 210 -10.90 -23.62 7.25
CA THR C 210 -11.37 -24.44 6.15
C THR C 210 -11.06 -25.91 6.40
N VAL C 216 -3.14 -28.42 8.63
CA VAL C 216 -2.02 -27.77 9.32
C VAL C 216 -1.93 -28.26 10.75
N PRO C 217 -0.74 -28.68 11.18
CA PRO C 217 -0.56 -29.13 12.56
C PRO C 217 -0.96 -28.05 13.56
N GLN C 218 -1.55 -28.48 14.67
CA GLN C 218 -1.95 -27.56 15.72
C GLN C 218 -0.78 -26.72 16.22
N ASP C 219 0.43 -27.31 16.24
CA ASP C 219 1.62 -26.58 16.69
C ASP C 219 1.98 -25.45 15.74
N VAL C 220 1.74 -25.63 14.45
CA VAL C 220 2.02 -24.56 13.49
C VAL C 220 0.96 -23.48 13.57
N LEU C 221 -0.31 -23.88 13.67
CA LEU C 221 -1.39 -22.93 13.89
C LEU C 221 -1.13 -22.06 15.11
N GLU C 222 -0.68 -22.68 16.21
CA GLU C 222 -0.53 -21.93 17.45
C GLU C 222 0.77 -21.14 17.52
N ALA C 223 1.83 -21.60 16.86
CA ALA C 223 3.11 -20.91 16.95
C ALA C 223 3.36 -19.96 15.78
N LYS C 224 2.88 -20.31 14.59
CA LYS C 224 3.23 -19.55 13.39
C LYS C 224 2.11 -18.68 12.87
N ILE C 225 0.84 -19.03 13.10
CA ILE C 225 -0.28 -18.34 12.46
C ILE C 225 -1.03 -17.45 13.46
N LEU C 226 -1.65 -18.05 14.48
CA LEU C 226 -2.52 -17.25 15.35
C LEU C 226 -1.81 -16.08 16.03
N PRO C 227 -0.56 -16.19 16.48
CA PRO C 227 0.08 -15.03 17.10
C PRO C 227 0.22 -13.85 16.18
N GLN C 228 0.14 -14.06 14.87
CA GLN C 228 0.23 -12.97 13.91
C GLN C 228 -1.12 -12.41 13.50
N ILE C 229 -2.22 -12.90 14.07
CA ILE C 229 -3.56 -12.43 13.75
C ILE C 229 -4.08 -11.67 14.96
N PRO C 230 -4.18 -10.34 14.90
CA PRO C 230 -4.63 -9.57 16.07
C PRO C 230 -5.94 -10.05 16.68
N VAL C 231 -6.95 -10.38 15.89
CA VAL C 231 -8.22 -10.81 16.48
C VAL C 231 -8.10 -12.19 17.11
N GLY C 232 -7.02 -12.92 16.86
CA GLY C 232 -6.70 -14.11 17.63
C GLY C 232 -7.40 -15.38 17.20
N ARG C 233 -8.03 -15.39 16.03
CA ARG C 233 -8.76 -16.54 15.54
C ARG C 233 -8.63 -16.59 14.02
N LEU C 234 -8.91 -17.76 13.46
CA LEU C 234 -9.06 -17.87 12.02
C LEU C 234 -10.37 -17.23 11.57
N GLY C 235 -10.41 -16.83 10.30
CA GLY C 235 -11.62 -16.29 9.74
C GLY C 235 -12.59 -17.38 9.34
N ARG C 236 -13.89 -17.06 9.41
CA ARG C 236 -14.86 -18.04 8.96
C ARG C 236 -15.13 -17.83 7.46
N PRO C 237 -15.21 -18.92 6.69
CA PRO C 237 -15.55 -18.76 5.26
C PRO C 237 -16.81 -17.93 5.04
N ASP C 238 -17.84 -18.12 5.88
CA ASP C 238 -19.07 -17.36 5.71
C ASP C 238 -18.86 -15.85 5.85
N GLU C 239 -17.90 -15.43 6.70
CA GLU C 239 -17.60 -14.00 6.85
C GLU C 239 -17.08 -13.41 5.54
N VAL C 240 -16.12 -14.10 4.92
CA VAL C 240 -15.59 -13.67 3.63
C VAL C 240 -16.68 -13.68 2.58
N ALA C 241 -17.52 -14.72 2.59
CA ALA C 241 -18.64 -14.81 1.65
C ALA C 241 -19.59 -13.62 1.80
N ALA C 242 -19.80 -13.16 3.04
CA ALA C 242 -20.70 -12.02 3.26
C ALA C 242 -20.15 -10.74 2.65
N LEU C 243 -18.84 -10.52 2.77
CA LEU C 243 -18.22 -9.37 2.11
C LEU C 243 -18.34 -9.48 0.61
N ILE C 244 -18.14 -10.68 0.07
CA ILE C 244 -18.26 -10.88 -1.36
C ILE C 244 -19.70 -10.61 -1.81
N ALA C 245 -20.67 -11.09 -1.03
CA ALA C 245 -22.07 -10.82 -1.36
C ALA C 245 -22.34 -9.32 -1.43
N PHE C 246 -21.78 -8.53 -0.51
CA PHE C 246 -21.95 -7.08 -0.62
C PHE C 246 -21.33 -6.55 -1.91
N LEU C 247 -20.12 -6.99 -2.23
CA LEU C 247 -19.45 -6.49 -3.43
C LEU C 247 -20.21 -6.84 -4.71
N CYS C 248 -20.97 -7.93 -4.71
CA CYS C 248 -21.74 -8.33 -5.88
C CYS C 248 -23.11 -7.70 -5.93
N SER C 249 -23.46 -6.86 -4.96
CA SER C 249 -24.78 -6.26 -4.88
C SER C 249 -24.86 -4.98 -5.72
N ASP C 250 -26.09 -4.46 -5.83
CA ASP C 250 -26.34 -3.17 -6.49
C ASP C 250 -25.86 -1.98 -5.67
N ASP C 251 -25.36 -2.19 -4.46
CA ASP C 251 -24.83 -1.10 -3.66
C ASP C 251 -23.32 -0.91 -3.83
N ALA C 252 -22.65 -1.75 -4.62
CA ALA C 252 -21.19 -1.73 -4.67
C ALA C 252 -20.65 -1.31 -6.03
N GLY C 253 -21.46 -0.61 -6.82
CA GLY C 253 -21.01 -0.21 -8.15
C GLY C 253 -19.92 0.85 -8.17
N PHE C 254 -19.65 1.49 -7.04
CA PHE C 254 -18.58 2.49 -6.94
C PHE C 254 -17.30 1.90 -6.35
N VAL C 255 -17.27 0.60 -6.07
CA VAL C 255 -16.06 -0.09 -5.63
C VAL C 255 -15.50 -0.80 -6.84
N THR C 256 -14.36 -0.35 -7.36
CA THR C 256 -13.73 -1.08 -8.45
C THR C 256 -12.23 -0.83 -8.46
N GLY C 257 -11.49 -1.88 -8.88
CA GLY C 257 -10.05 -1.84 -8.82
C GLY C 257 -9.49 -1.88 -7.43
N ALA C 258 -10.31 -2.22 -6.44
CA ALA C 258 -9.89 -2.22 -5.04
C ALA C 258 -9.43 -3.59 -4.60
N ASP C 259 -8.63 -3.60 -3.52
CA ASP C 259 -8.24 -4.83 -2.84
C ASP C 259 -8.87 -4.77 -1.46
N LEU C 260 -9.83 -5.65 -1.19
CA LEU C 260 -10.56 -5.59 0.08
C LEU C 260 -9.95 -6.63 1.02
N ALA C 261 -9.34 -6.16 2.10
CA ALA C 261 -8.59 -7.02 3.01
C ALA C 261 -9.50 -7.48 4.15
N ILE C 262 -9.63 -8.79 4.30
CA ILE C 262 -10.42 -9.35 5.40
C ILE C 262 -9.56 -10.41 6.08
N ASN C 263 -8.66 -9.96 6.96
CA ASN C 263 -7.57 -10.83 7.42
C ASN C 263 -7.36 -10.79 8.93
N GLY C 264 -8.34 -10.31 9.70
CA GLY C 264 -8.20 -10.29 11.14
C GLY C 264 -7.15 -9.33 11.66
N GLY C 265 -6.68 -8.40 10.82
CA GLY C 265 -5.62 -7.49 11.17
C GLY C 265 -4.22 -8.03 10.93
N MET C 266 -4.11 -9.23 10.36
CA MET C 266 -2.81 -9.85 10.14
C MET C 266 -1.91 -9.01 9.24
N HIS C 267 -2.50 -8.27 8.30
CA HIS C 267 -1.72 -7.32 7.51
C HIS C 267 -2.46 -5.99 7.43
N MET C 268 -1.71 -4.91 7.66
CA MET C 268 -2.18 -3.54 7.50
C MET C 268 -1.10 -2.76 6.75
N SER C 269 -1.51 -1.75 6.01
CA SER C 269 -0.52 -0.98 5.26
C SER C 269 -0.97 0.47 5.02
N LYS D 25 36.31 -8.97 -5.64
CA LYS D 25 35.55 -8.19 -6.61
C LYS D 25 34.12 -8.72 -6.75
N ARG D 26 33.16 -7.84 -6.51
CA ARG D 26 31.74 -8.20 -6.60
C ARG D 26 31.36 -8.50 -8.05
N VAL D 27 30.61 -9.59 -8.26
CA VAL D 27 30.15 -9.99 -9.60
C VAL D 27 28.66 -9.74 -9.74
N ALA D 28 28.28 -9.06 -10.83
CA ALA D 28 26.88 -8.80 -11.15
C ALA D 28 26.50 -9.51 -12.44
N PHE D 29 25.26 -10.03 -12.48
CA PHE D 29 24.68 -10.59 -13.70
C PHE D 29 23.39 -9.83 -13.99
N VAL D 30 23.30 -9.23 -15.16
CA VAL D 30 22.17 -8.39 -15.53
C VAL D 30 21.46 -9.05 -16.72
N THR D 31 20.25 -9.58 -16.49
CA THR D 31 19.48 -10.08 -17.63
C THR D 31 18.92 -8.91 -18.42
N GLY D 32 18.81 -9.10 -19.73
CA GLY D 32 18.51 -7.98 -20.60
C GLY D 32 19.52 -6.86 -20.49
N GLY D 33 20.78 -7.20 -20.20
CA GLY D 33 21.79 -6.18 -19.94
C GLY D 33 22.22 -5.36 -21.14
N MET D 34 21.77 -5.71 -22.35
CA MET D 34 22.05 -4.93 -23.54
C MET D 34 20.86 -4.09 -24.00
N GLY D 35 19.72 -4.18 -23.31
CA GLY D 35 18.56 -3.38 -23.64
C GLY D 35 18.69 -1.97 -23.10
N GLY D 36 17.59 -1.23 -23.20
CA GLY D 36 17.61 0.18 -22.83
C GLY D 36 17.95 0.41 -21.37
N LEU D 37 17.15 -0.12 -20.47
CA LEU D 37 17.46 0.00 -19.04
C LEU D 37 18.65 -0.87 -18.66
N GLY D 38 18.74 -2.07 -19.25
CA GLY D 38 19.78 -3.00 -18.85
C GLY D 38 21.18 -2.47 -19.09
N ALA D 39 21.39 -1.83 -20.24
CA ALA D 39 22.71 -1.27 -20.54
C ALA D 39 23.08 -0.20 -19.53
N ALA D 40 22.10 0.62 -19.13
CA ALA D 40 22.39 1.66 -18.14
C ALA D 40 22.75 1.04 -16.80
N ILE D 41 22.02 -0.01 -16.39
CA ILE D 41 22.35 -0.72 -15.16
C ILE D 41 23.76 -1.30 -15.24
N SER D 42 24.06 -1.98 -16.35
CA SER D 42 25.36 -2.63 -16.47
C SER D 42 26.51 -1.63 -16.37
N ARG D 43 26.36 -0.46 -17.02
CA ARG D 43 27.39 0.57 -16.94
C ARG D 43 27.53 1.11 -15.52
N ARG D 44 26.41 1.33 -14.81
CA ARG D 44 26.50 1.85 -13.45
C ARG D 44 27.18 0.86 -12.51
N LEU D 45 26.84 -0.43 -12.65
CA LEU D 45 27.42 -1.42 -11.75
C LEU D 45 28.90 -1.62 -12.07
N HIS D 46 29.25 -1.58 -13.36
CA HIS D 46 30.65 -1.62 -13.73
C HIS D 46 31.41 -0.45 -13.13
N ASP D 47 30.83 0.75 -13.22
CA ASP D 47 31.52 1.94 -12.70
C ASP D 47 31.60 1.95 -11.19
N ALA D 48 30.71 1.22 -10.51
CA ALA D 48 30.83 1.03 -9.07
C ALA D 48 31.90 0.01 -8.70
N GLY D 49 32.58 -0.57 -9.69
CA GLY D 49 33.68 -1.48 -9.42
C GLY D 49 33.33 -2.96 -9.53
N MET D 50 32.13 -3.29 -9.98
CA MET D 50 31.75 -4.68 -10.09
C MET D 50 32.23 -5.27 -11.40
N ALA D 51 32.48 -6.58 -11.38
CA ALA D 51 32.67 -7.34 -12.61
C ALA D 51 31.30 -7.71 -13.14
N VAL D 52 31.00 -7.37 -14.39
CA VAL D 52 29.63 -7.41 -14.87
C VAL D 52 29.50 -8.39 -16.03
N ALA D 53 28.59 -9.34 -15.88
CA ALA D 53 28.15 -10.24 -16.94
C ALA D 53 26.74 -9.84 -17.35
N VAL D 54 26.48 -9.89 -18.66
CA VAL D 54 25.15 -9.55 -19.18
C VAL D 54 24.59 -10.75 -19.93
N SER D 55 23.28 -10.90 -19.88
CA SER D 55 22.64 -11.86 -20.76
C SER D 55 22.23 -11.17 -22.05
N HIS D 56 22.04 -11.98 -23.10
CA HIS D 56 21.42 -11.54 -24.33
C HIS D 56 20.44 -12.61 -24.79
N SER D 57 19.41 -12.18 -25.52
CA SER D 57 18.41 -13.10 -26.06
C SER D 57 18.99 -13.92 -27.21
N GLU D 58 18.33 -15.04 -27.49
CA GLU D 58 18.73 -15.83 -28.65
C GLU D 58 18.54 -15.07 -29.95
N ARG D 59 17.52 -14.20 -30.01
CA ARG D 59 17.24 -13.44 -31.22
C ARG D 59 18.15 -12.24 -31.40
N ASN D 60 18.97 -11.89 -30.42
CA ASN D 60 19.79 -10.69 -30.48
C ASN D 60 20.78 -10.75 -31.65
N ASP D 61 20.63 -9.82 -32.59
CA ASP D 61 21.45 -9.82 -33.81
C ASP D 61 22.64 -8.87 -33.73
N HIS D 62 22.97 -8.36 -32.53
CA HIS D 62 24.01 -7.33 -32.42
C HIS D 62 24.89 -7.54 -31.20
N VAL D 63 25.12 -8.80 -30.81
CA VAL D 63 25.85 -9.08 -29.58
C VAL D 63 27.30 -8.58 -29.67
N SER D 64 27.99 -8.94 -30.75
CA SER D 64 29.39 -8.54 -30.87
C SER D 64 29.51 -7.03 -31.05
N THR D 65 28.58 -6.42 -31.78
CA THR D 65 28.60 -4.97 -31.96
C THR D 65 28.46 -4.24 -30.63
N TRP D 66 27.48 -4.63 -29.83
CA TRP D 66 27.25 -3.98 -28.54
C TRP D 66 28.48 -4.09 -27.65
N LEU D 67 29.08 -5.28 -27.57
CA LEU D 67 30.27 -5.46 -26.73
C LEU D 67 31.42 -4.58 -27.20
N MET D 68 31.60 -4.45 -28.52
CA MET D 68 32.67 -3.62 -29.05
C MET D 68 32.48 -2.15 -28.69
N HIS D 69 31.25 -1.64 -28.81
CA HIS D 69 31.01 -0.24 -28.50
C HIS D 69 31.20 0.03 -27.01
N GLU D 70 30.76 -0.91 -26.15
CA GLU D 70 31.00 -0.74 -24.72
C GLU D 70 32.48 -0.78 -24.39
N ARG D 71 33.24 -1.64 -25.07
CA ARG D 71 34.68 -1.67 -24.87
C ARG D 71 35.33 -0.36 -25.31
N ASP D 72 34.89 0.17 -26.45
CA ASP D 72 35.41 1.46 -26.92
C ASP D 72 35.15 2.57 -25.90
N ALA D 73 34.07 2.46 -25.14
CA ALA D 73 33.75 3.43 -24.09
C ALA D 73 34.40 3.10 -22.76
N GLY D 74 35.23 2.05 -22.69
CA GLY D 74 36.04 1.77 -21.53
C GLY D 74 35.56 0.68 -20.60
N ARG D 75 34.59 -0.14 -21.03
CA ARG D 75 34.02 -1.15 -20.16
C ARG D 75 34.07 -2.51 -20.84
N ASP D 76 34.63 -3.50 -20.14
CA ASP D 76 34.71 -4.86 -20.64
C ASP D 76 33.58 -5.67 -20.00
N PHE D 77 32.60 -6.04 -20.81
CA PHE D 77 31.51 -6.91 -20.39
C PHE D 77 31.70 -8.29 -21.02
N LYS D 78 31.17 -9.31 -20.35
CA LYS D 78 31.03 -10.64 -20.92
C LYS D 78 29.55 -10.96 -21.08
N ALA D 79 29.18 -11.59 -22.20
CA ALA D 79 27.79 -11.82 -22.55
C ALA D 79 27.48 -13.30 -22.68
N TYR D 80 26.24 -13.66 -22.34
CA TYR D 80 25.78 -15.04 -22.27
C TYR D 80 24.35 -15.14 -22.79
N ALA D 81 24.13 -16.04 -23.74
CA ALA D 81 22.81 -16.25 -24.30
C ALA D 81 21.88 -16.88 -23.26
N VAL D 82 20.61 -16.45 -23.24
CA VAL D 82 19.62 -17.05 -22.34
C VAL D 82 18.23 -16.77 -22.88
N ASP D 83 17.30 -17.68 -22.60
CA ASP D 83 15.86 -17.45 -22.71
C ASP D 83 15.34 -17.53 -21.28
N VAL D 84 15.05 -16.37 -20.67
CA VAL D 84 14.64 -16.37 -19.28
C VAL D 84 13.31 -17.06 -19.04
N ALA D 85 12.54 -17.31 -20.11
CA ALA D 85 11.30 -18.08 -20.00
C ALA D 85 11.54 -19.58 -19.94
N ASP D 86 12.77 -20.05 -20.04
CA ASP D 86 13.04 -21.49 -20.14
C ASP D 86 14.04 -21.87 -19.05
N PHE D 87 13.60 -22.75 -18.14
CA PHE D 87 14.44 -23.12 -17.00
C PHE D 87 15.75 -23.74 -17.44
N GLU D 88 15.70 -24.64 -18.43
CA GLU D 88 16.91 -25.34 -18.83
C GLU D 88 17.87 -24.38 -19.50
N SER D 89 17.35 -23.41 -20.25
CA SER D 89 18.20 -22.38 -20.85
C SER D 89 18.92 -21.58 -19.76
N CYS D 90 18.20 -21.21 -18.72
CA CYS D 90 18.83 -20.50 -17.61
C CYS D 90 19.89 -21.35 -16.93
N GLU D 91 19.67 -22.67 -16.85
CA GLU D 91 20.70 -23.55 -16.30
C GLU D 91 21.98 -23.49 -17.11
N ARG D 92 21.85 -23.61 -18.45
CA ARG D 92 23.03 -23.63 -19.31
C ARG D 92 23.77 -22.29 -19.24
N CYS D 93 23.01 -21.20 -19.24
CA CYS D 93 23.60 -19.86 -19.13
C CYS D 93 24.36 -19.71 -17.80
N ALA D 94 23.72 -20.09 -16.70
CA ALA D 94 24.33 -19.92 -15.39
C ALA D 94 25.60 -20.74 -15.27
N GLU D 95 25.62 -21.94 -15.85
CA GLU D 95 26.84 -22.75 -15.83
C GLU D 95 27.99 -21.99 -16.46
N LYS D 96 27.75 -21.31 -17.59
CA LYS D 96 28.81 -20.56 -18.26
C LYS D 96 29.24 -19.36 -17.42
N VAL D 97 28.27 -18.59 -16.90
CA VAL D 97 28.59 -17.42 -16.08
C VAL D 97 29.45 -17.82 -14.89
N LEU D 98 29.02 -18.86 -14.18
CA LEU D 98 29.74 -19.28 -12.99
C LEU D 98 31.09 -19.88 -13.34
N ALA D 99 31.21 -20.55 -14.49
CA ALA D 99 32.52 -21.03 -14.93
C ALA D 99 33.50 -19.88 -15.12
N ASP D 100 33.01 -18.75 -15.65
CA ASP D 100 33.91 -17.64 -15.95
C ASP D 100 34.19 -16.76 -14.73
N PHE D 101 33.18 -16.52 -13.89
CA PHE D 101 33.32 -15.58 -12.77
C PHE D 101 33.44 -16.24 -11.40
N GLY D 102 33.09 -17.53 -11.28
CA GLY D 102 33.18 -18.24 -10.03
C GLY D 102 32.01 -18.04 -9.08
N LYS D 103 31.28 -16.94 -9.20
CA LYS D 103 30.16 -16.63 -8.32
C LYS D 103 29.38 -15.50 -8.98
N VAL D 104 28.16 -15.30 -8.47
CA VAL D 104 27.36 -14.10 -8.77
C VAL D 104 26.87 -13.53 -7.44
N ASP D 105 27.29 -12.31 -7.13
CA ASP D 105 26.89 -11.63 -5.89
C ASP D 105 25.63 -10.81 -6.06
N VAL D 106 25.40 -10.30 -7.27
CA VAL D 106 24.37 -9.31 -7.56
C VAL D 106 23.62 -9.79 -8.79
N LEU D 107 22.30 -9.96 -8.66
CA LEU D 107 21.46 -10.44 -9.76
C LEU D 107 20.41 -9.38 -10.04
N ILE D 108 20.37 -8.88 -11.27
CA ILE D 108 19.34 -7.93 -11.69
C ILE D 108 18.44 -8.67 -12.65
N ASN D 109 17.21 -8.95 -12.23
CA ASN D 109 16.19 -9.58 -13.07
C ASN D 109 15.51 -8.47 -13.84
N ASN D 110 16.09 -8.14 -15.00
CA ASN D 110 15.67 -6.98 -15.78
C ASN D 110 15.02 -7.32 -17.12
N ALA D 111 15.33 -8.48 -17.70
CA ALA D 111 14.70 -8.86 -18.97
C ALA D 111 13.17 -8.77 -18.87
N GLY D 112 12.54 -8.30 -19.93
CA GLY D 112 11.08 -8.19 -19.94
C GLY D 112 10.55 -7.75 -21.28
N ILE D 113 9.28 -8.11 -21.52
CA ILE D 113 8.59 -7.77 -22.77
C ILE D 113 7.17 -7.32 -22.45
N THR D 114 6.53 -6.69 -23.43
CA THR D 114 5.10 -6.45 -23.41
C THR D 114 4.44 -7.12 -24.60
N ARG D 115 3.14 -7.41 -24.45
CA ARG D 115 2.30 -7.90 -25.55
C ARG D 115 0.93 -7.26 -25.30
N ASP D 116 0.82 -5.98 -25.63
CA ASP D 116 -0.36 -5.21 -25.25
C ASP D 116 -1.58 -5.58 -26.08
N ALA D 117 -2.74 -5.58 -25.43
CA ALA D 117 -4.03 -5.77 -26.07
C ALA D 117 -5.10 -5.51 -25.02
N THR D 118 -6.26 -5.00 -25.45
CA THR D 118 -7.39 -5.00 -24.53
C THR D 118 -7.69 -6.44 -24.12
N PHE D 119 -8.24 -6.62 -22.92
CA PHE D 119 -8.55 -7.96 -22.46
C PHE D 119 -9.49 -8.66 -23.45
N MET D 120 -10.45 -7.93 -24.01
CA MET D 120 -11.39 -8.54 -24.95
C MET D 120 -10.69 -9.10 -26.17
N LYS D 121 -9.61 -8.46 -26.62
CA LYS D 121 -8.90 -8.90 -27.81
C LYS D 121 -7.64 -9.72 -27.52
N MET D 122 -7.20 -9.78 -26.27
CA MET D 122 -5.95 -10.45 -25.92
C MET D 122 -6.05 -11.94 -26.19
N THR D 123 -4.98 -12.51 -26.74
CA THR D 123 -4.92 -13.94 -27.01
C THR D 123 -4.23 -14.69 -25.87
N LYS D 124 -4.48 -15.99 -25.80
CA LYS D 124 -3.75 -16.82 -24.84
C LYS D 124 -2.26 -16.73 -25.08
N GLY D 125 -1.85 -16.65 -26.35
CA GLY D 125 -0.43 -16.51 -26.65
C GLY D 125 0.18 -15.23 -26.12
N ASP D 126 -0.55 -14.10 -26.25
CA ASP D 126 -0.14 -12.82 -25.67
C ASP D 126 0.03 -12.93 -24.16
N TRP D 127 -0.96 -13.53 -23.50
CA TRP D 127 -0.89 -13.73 -22.05
C TRP D 127 0.33 -14.54 -21.66
N ASP D 128 0.48 -15.72 -22.28
CA ASP D 128 1.52 -16.66 -21.88
C ASP D 128 2.91 -16.08 -22.10
N ALA D 129 3.14 -15.41 -23.25
CA ALA D 129 4.46 -14.88 -23.54
C ALA D 129 4.92 -13.90 -22.48
N VAL D 130 4.02 -13.01 -22.05
CA VAL D 130 4.36 -12.05 -21.01
C VAL D 130 4.55 -12.75 -19.66
N MET D 131 3.66 -13.70 -19.33
CA MET D 131 3.80 -14.41 -18.04
C MET D 131 5.12 -15.18 -17.96
N ARG D 132 5.48 -15.89 -19.03
CA ARG D 132 6.66 -16.74 -18.97
CA ARG D 132 6.66 -16.74 -18.97
C ARG D 132 7.95 -15.92 -18.95
N THR D 133 7.99 -14.81 -19.70
CA THR D 133 9.21 -14.00 -19.74
C THR D 133 9.32 -13.08 -18.52
N ASP D 134 8.23 -12.44 -18.13
CA ASP D 134 8.30 -11.39 -17.12
C ASP D 134 8.15 -11.90 -15.69
N LEU D 135 7.44 -13.01 -15.47
CA LEU D 135 7.24 -13.53 -14.13
C LEU D 135 7.92 -14.87 -13.89
N ASP D 136 7.77 -15.84 -14.79
CA ASP D 136 8.47 -17.10 -14.58
C ASP D 136 9.99 -16.90 -14.52
N ALA D 137 10.50 -15.86 -15.18
CA ALA D 137 11.93 -15.57 -15.11
C ALA D 137 12.40 -15.40 -13.66
N MET D 138 11.54 -14.87 -12.78
CA MET D 138 11.92 -14.76 -11.37
C MET D 138 12.36 -16.12 -10.84
N PHE D 139 11.61 -17.17 -11.16
CA PHE D 139 12.00 -18.52 -10.76
C PHE D 139 13.16 -19.03 -11.62
N ASN D 140 13.03 -18.95 -12.94
CA ASN D 140 14.00 -19.61 -13.83
C ASN D 140 15.41 -19.08 -13.63
N VAL D 141 15.55 -17.76 -13.50
CA VAL D 141 16.88 -17.17 -13.38
C VAL D 141 17.40 -17.28 -11.95
N THR D 142 16.61 -16.81 -10.97
CA THR D 142 17.11 -16.72 -9.60
C THR D 142 17.46 -18.09 -9.01
N LYS D 143 16.75 -19.15 -9.44
CA LYS D 143 17.07 -20.49 -8.94
C LYS D 143 18.51 -20.88 -9.21
N GLN D 144 19.12 -20.32 -10.27
CA GLN D 144 20.46 -20.74 -10.66
C GLN D 144 21.55 -20.12 -9.81
N PHE D 145 21.26 -19.02 -9.11
CA PHE D 145 22.28 -18.27 -8.38
C PHE D 145 22.03 -18.18 -6.89
N ILE D 146 20.86 -18.60 -6.40
CA ILE D 146 20.50 -18.35 -5.01
C ILE D 146 21.37 -19.18 -4.06
N ALA D 147 21.70 -20.43 -4.44
CA ALA D 147 22.45 -21.30 -3.53
C ALA D 147 23.81 -20.69 -3.17
N GLY D 148 24.50 -20.14 -4.17
CA GLY D 148 25.80 -19.54 -3.91
C GLY D 148 25.71 -18.32 -3.01
N MET D 149 24.69 -17.48 -3.23
CA MET D 149 24.51 -16.32 -2.36
C MET D 149 24.28 -16.76 -0.92
N VAL D 150 23.45 -17.79 -0.73
CA VAL D 150 23.19 -18.28 0.62
C VAL D 150 24.45 -18.86 1.24
N GLU D 151 25.20 -19.64 0.47
CA GLU D 151 26.45 -20.23 0.97
C GLU D 151 27.44 -19.16 1.40
N ARG D 152 27.59 -18.09 0.61
CA ARG D 152 28.56 -17.05 0.91
C ARG D 152 28.04 -15.98 1.86
N ARG D 153 26.76 -16.06 2.25
CA ARG D 153 26.15 -15.08 3.15
C ARG D 153 26.23 -13.65 2.60
N PHE D 154 26.07 -13.52 1.29
CA PHE D 154 25.93 -12.19 0.70
C PHE D 154 25.13 -12.26 -0.59
N GLY D 155 24.24 -11.29 -0.79
CA GLY D 155 23.61 -11.19 -2.08
C GLY D 155 22.80 -9.93 -2.21
N ARG D 156 22.60 -9.54 -3.47
CA ARG D 156 21.68 -8.46 -3.83
C ARG D 156 20.87 -8.98 -5.01
N ILE D 157 19.55 -9.06 -4.84
CA ILE D 157 18.66 -9.46 -5.93
C ILE D 157 17.71 -8.29 -6.15
N VAL D 158 17.73 -7.73 -7.35
CA VAL D 158 16.86 -6.60 -7.70
C VAL D 158 16.01 -7.03 -8.88
N ASN D 159 14.69 -7.01 -8.67
CA ASN D 159 13.72 -7.40 -9.67
C ASN D 159 13.06 -6.15 -10.22
N ILE D 160 13.08 -5.99 -11.55
CA ILE D 160 12.55 -4.79 -12.19
C ILE D 160 11.06 -4.98 -12.41
N GLY D 161 10.26 -4.21 -11.68
CA GLY D 161 8.83 -4.18 -11.85
C GLY D 161 8.43 -3.08 -12.80
N SER D 162 7.33 -2.39 -12.52
CA SER D 162 6.85 -1.30 -13.35
C SER D 162 5.84 -0.50 -12.55
N VAL D 163 5.77 0.80 -12.83
CA VAL D 163 4.66 1.59 -12.32
C VAL D 163 3.33 0.95 -12.70
N ASN D 164 3.28 0.24 -13.84
CA ASN D 164 2.02 -0.35 -14.25
C ASN D 164 1.71 -1.66 -13.53
N GLY D 165 2.61 -2.14 -12.67
CA GLY D 165 2.21 -3.11 -11.68
C GLY D 165 1.45 -2.51 -10.51
N SER D 166 1.55 -1.19 -10.32
CA SER D 166 0.89 -0.49 -9.22
C SER D 166 -0.37 0.23 -9.67
N ARG D 167 -0.24 1.14 -10.64
CA ARG D 167 -1.40 1.85 -11.19
C ARG D 167 -2.16 0.93 -12.13
N GLY D 168 -3.44 1.22 -12.32
CA GLY D 168 -4.17 0.52 -13.34
C GLY D 168 -3.54 0.74 -14.71
N ALA D 169 -3.39 -0.31 -15.51
CA ALA D 169 -2.69 -0.24 -16.80
C ALA D 169 -3.59 -0.71 -17.95
N PHE D 170 -4.26 0.25 -18.61
CA PHE D 170 -5.13 -0.05 -19.74
C PHE D 170 -4.38 -0.81 -20.84
N GLY D 171 -5.00 -1.89 -21.34
CA GLY D 171 -4.42 -2.66 -22.42
C GLY D 171 -3.28 -3.56 -22.03
N GLN D 172 -3.07 -3.78 -20.72
CA GLN D 172 -1.91 -4.51 -20.24
C GLN D 172 -2.28 -5.51 -19.14
N ALA D 173 -3.39 -6.24 -19.30
CA ALA D 173 -3.79 -7.17 -18.25
C ALA D 173 -2.69 -8.19 -17.98
N ASN D 174 -1.99 -8.62 -19.02
CA ASN D 174 -0.90 -9.58 -18.84
C ASN D 174 0.30 -8.92 -18.17
N TYR D 175 0.75 -7.79 -18.70
CA TYR D 175 1.94 -7.13 -18.16
C TYR D 175 1.72 -6.66 -16.72
N ALA D 176 0.57 -6.04 -16.44
CA ALA D 176 0.28 -5.62 -15.07
C ALA D 176 0.26 -6.80 -14.09
N SER D 177 -0.33 -7.93 -14.51
CA SER D 177 -0.35 -9.11 -13.65
C SER D 177 1.06 -9.61 -13.40
N ALA D 178 1.87 -9.73 -14.45
CA ALA D 178 3.23 -10.24 -14.27
C ALA D 178 4.04 -9.30 -13.41
N LYS D 179 3.93 -7.99 -13.63
CA LYS D 179 4.74 -7.05 -12.88
C LYS D 179 4.28 -6.94 -11.43
N ALA D 180 2.97 -7.01 -11.19
CA ALA D 180 2.50 -7.08 -9.81
C ALA D 180 2.97 -8.36 -9.14
N GLY D 181 2.94 -9.47 -9.88
CA GLY D 181 3.37 -10.73 -9.33
C GLY D 181 4.83 -10.72 -8.88
N ILE D 182 5.67 -9.95 -9.58
CA ILE D 182 7.08 -9.87 -9.23
C ILE D 182 7.26 -9.48 -7.76
N HIS D 183 6.43 -8.56 -7.27
CA HIS D 183 6.67 -8.09 -5.92
C HIS D 183 6.28 -9.14 -4.88
N GLY D 184 5.30 -10.00 -5.18
CA GLY D 184 5.05 -11.14 -4.31
C GLY D 184 6.28 -12.02 -4.19
N PHE D 185 6.95 -12.28 -5.32
CA PHE D 185 8.20 -13.03 -5.31
C PHE D 185 9.26 -12.34 -4.45
N THR D 186 9.49 -11.04 -4.71
CA THR D 186 10.43 -10.25 -3.93
C THR D 186 10.21 -10.41 -2.43
N LYS D 187 8.96 -10.28 -1.99
CA LYS D 187 8.73 -10.28 -0.54
C LYS D 187 9.00 -11.66 0.06
N THR D 188 8.58 -12.73 -0.62
CA THR D 188 8.85 -14.07 -0.10
C THR D 188 10.35 -14.33 -0.04
N LEU D 189 11.07 -14.06 -1.13
CA LEU D 189 12.49 -14.36 -1.12
C LEU D 189 13.23 -13.48 -0.12
N ALA D 190 12.79 -12.22 0.05
CA ALA D 190 13.36 -11.37 1.09
C ALA D 190 13.25 -12.03 2.47
N LEU D 191 12.05 -12.53 2.81
CA LEU D 191 11.89 -13.19 4.10
C LEU D 191 12.75 -14.44 4.22
N GLU D 192 12.84 -15.23 3.15
CA GLU D 192 13.58 -16.49 3.24
C GLU D 192 15.09 -16.28 3.34
N THR D 193 15.61 -15.16 2.87
CA THR D 193 17.05 -14.94 2.81
C THR D 193 17.55 -13.89 3.80
N ALA D 194 16.66 -13.32 4.61
CA ALA D 194 17.02 -12.16 5.44
C ALA D 194 18.13 -12.46 6.43
N LYS D 195 18.21 -13.69 6.95
CA LYS D 195 19.27 -14.02 7.89
C LYS D 195 20.53 -14.58 7.21
N ARG D 196 20.62 -14.48 5.89
CA ARG D 196 21.78 -14.97 5.14
CA ARG D 196 21.77 -14.97 5.14
C ARG D 196 22.49 -13.85 4.39
N GLY D 197 22.33 -12.60 4.82
CA GLY D 197 23.08 -11.51 4.24
C GLY D 197 22.66 -11.09 2.85
N ILE D 198 21.47 -11.48 2.42
CA ILE D 198 20.96 -11.20 1.08
C ILE D 198 19.79 -10.24 1.23
N THR D 199 19.68 -9.28 0.31
CA THR D 199 18.47 -8.47 0.21
C THR D 199 17.82 -8.72 -1.13
N VAL D 200 16.50 -8.57 -1.16
CA VAL D 200 15.70 -8.78 -2.37
C VAL D 200 14.71 -7.62 -2.42
N ASN D 201 14.73 -6.86 -3.52
CA ASN D 201 13.90 -5.68 -3.63
C ASN D 201 13.31 -5.59 -5.03
N THR D 202 12.17 -4.90 -5.14
CA THR D 202 11.58 -4.54 -6.42
C THR D 202 11.87 -3.08 -6.71
N VAL D 203 12.32 -2.77 -7.92
CA VAL D 203 12.43 -1.39 -8.38
C VAL D 203 11.37 -1.22 -9.46
N SER D 204 10.47 -0.25 -9.28
CA SER D 204 9.33 -0.05 -10.17
C SER D 204 9.50 1.28 -10.90
N PRO D 205 10.08 1.29 -12.10
CA PRO D 205 10.24 2.54 -12.82
C PRO D 205 8.94 2.96 -13.49
N GLY D 206 8.79 4.28 -13.63
CA GLY D 206 7.81 4.86 -14.51
C GLY D 206 8.28 4.78 -15.95
N TYR D 207 7.63 5.56 -16.81
CA TYR D 207 7.94 5.53 -18.23
C TYR D 207 9.31 6.15 -18.50
N LEU D 208 10.14 5.43 -19.25
CA LEU D 208 11.53 5.81 -19.49
C LEU D 208 11.78 6.23 -20.93
N ALA D 209 12.73 7.15 -21.10
CA ALA D 209 13.23 7.53 -22.41
C ALA D 209 14.18 6.41 -22.85
N THR D 210 13.62 5.42 -23.53
CA THR D 210 14.39 4.22 -23.84
C THR D 210 14.00 3.70 -25.22
N GLU D 222 3.21 9.10 -26.77
CA GLU D 222 3.78 9.78 -25.62
C GLU D 222 3.23 11.19 -25.49
N ALA D 223 2.06 11.42 -26.07
CA ALA D 223 1.26 12.62 -25.80
C ALA D 223 0.10 12.32 -24.86
N LYS D 224 -0.20 11.04 -24.62
CA LYS D 224 -1.11 10.61 -23.59
C LYS D 224 -0.39 10.22 -22.29
N ILE D 225 0.93 10.02 -22.35
CA ILE D 225 1.69 9.62 -21.17
C ILE D 225 2.22 10.82 -20.40
N LEU D 226 2.91 11.73 -21.08
CA LEU D 226 3.52 12.88 -20.39
C LEU D 226 2.55 13.66 -19.50
N PRO D 227 1.29 13.89 -19.87
CA PRO D 227 0.40 14.62 -18.95
C PRO D 227 0.17 13.90 -17.63
N GLN D 228 0.37 12.59 -17.56
CA GLN D 228 0.17 11.85 -16.33
C GLN D 228 1.42 11.77 -15.47
N ILE D 229 2.51 12.40 -15.89
CA ILE D 229 3.76 12.37 -15.14
C ILE D 229 3.98 13.75 -14.55
N PRO D 230 3.80 13.92 -13.24
CA PRO D 230 3.94 15.25 -12.63
C PRO D 230 5.23 15.98 -12.95
N VAL D 231 6.38 15.30 -12.95
CA VAL D 231 7.62 16.03 -13.23
C VAL D 231 7.73 16.44 -14.70
N GLY D 232 6.84 15.94 -15.55
CA GLY D 232 6.73 16.48 -16.90
C GLY D 232 7.77 16.00 -17.88
N ARG D 233 8.45 14.91 -17.58
CA ARG D 233 9.44 14.33 -18.49
C ARG D 233 9.44 12.83 -18.28
N LEU D 234 9.96 12.11 -19.27
CA LEU D 234 10.23 10.70 -19.08
C LEU D 234 11.44 10.52 -18.18
N GLY D 235 11.53 9.33 -17.57
CA GLY D 235 12.70 9.00 -16.78
C GLY D 235 13.88 8.58 -17.64
N ARG D 236 15.09 8.86 -17.14
CA ARG D 236 16.28 8.42 -17.86
C ARG D 236 16.70 7.06 -17.34
N PRO D 237 17.02 6.11 -18.22
CA PRO D 237 17.50 4.81 -17.72
C PRO D 237 18.65 4.94 -16.75
N ASP D 238 19.56 5.91 -16.96
CA ASP D 238 20.67 6.07 -16.03
C ASP D 238 20.22 6.44 -14.62
N GLU D 239 19.12 7.20 -14.48
CA GLU D 239 18.60 7.52 -13.14
C GLU D 239 18.15 6.26 -12.40
N VAL D 240 17.41 5.39 -13.10
CA VAL D 240 16.97 4.14 -12.49
C VAL D 240 18.18 3.29 -12.14
N ALA D 241 19.16 3.25 -13.03
CA ALA D 241 20.38 2.50 -12.77
C ALA D 241 21.10 3.03 -11.53
N ALA D 242 21.07 4.35 -11.30
CA ALA D 242 21.73 4.92 -10.13
C ALA D 242 21.07 4.44 -8.84
N LEU D 243 19.74 4.41 -8.82
CA LEU D 243 19.03 3.86 -7.66
C LEU D 243 19.39 2.39 -7.47
N ILE D 244 19.45 1.63 -8.56
CA ILE D 244 19.76 0.20 -8.45
C ILE D 244 21.17 0.02 -7.90
N ALA D 245 22.12 0.86 -8.34
CA ALA D 245 23.48 0.75 -7.83
C ALA D 245 23.53 1.00 -6.32
N PHE D 246 22.72 1.96 -5.84
CA PHE D 246 22.65 2.16 -4.39
C PHE D 246 22.15 0.89 -3.70
N LEU D 247 21.06 0.30 -4.21
CA LEU D 247 20.51 -0.89 -3.56
C LEU D 247 21.49 -2.05 -3.57
N CYS D 248 22.38 -2.11 -4.56
CA CYS D 248 23.36 -3.19 -4.63
C CYS D 248 24.59 -2.92 -3.78
N SER D 249 24.65 -1.77 -3.10
CA SER D 249 25.82 -1.35 -2.36
C SER D 249 25.79 -1.89 -0.93
N ASP D 250 26.94 -1.74 -0.25
CA ASP D 250 27.05 -2.09 1.15
C ASP D 250 26.28 -1.16 2.07
N ASP D 251 25.67 -0.10 1.56
CA ASP D 251 24.87 0.82 2.37
C ASP D 251 23.39 0.45 2.41
N ALA D 252 22.98 -0.58 1.67
CA ALA D 252 21.56 -0.89 1.48
C ALA D 252 21.15 -2.22 2.10
N GLY D 253 21.96 -2.75 3.02
CA GLY D 253 21.64 -4.03 3.66
C GLY D 253 20.40 -4.03 4.52
N PHE D 254 19.87 -2.86 4.88
CA PHE D 254 18.64 -2.77 5.67
C PHE D 254 17.42 -2.49 4.82
N VAL D 255 17.56 -2.43 3.50
CA VAL D 255 16.42 -2.35 2.59
C VAL D 255 16.18 -3.75 2.04
N THR D 256 15.06 -4.38 2.42
CA THR D 256 14.74 -5.68 1.83
C THR D 256 13.23 -5.90 1.85
N GLY D 257 12.72 -6.56 0.82
CA GLY D 257 11.29 -6.73 0.65
C GLY D 257 10.55 -5.48 0.25
N ALA D 258 11.27 -4.46 -0.18
CA ALA D 258 10.70 -3.16 -0.47
C ALA D 258 10.41 -3.02 -1.96
N ASP D 259 9.49 -2.11 -2.27
CA ASP D 259 9.19 -1.72 -3.65
C ASP D 259 9.60 -0.25 -3.78
N LEU D 260 10.65 0.01 -4.56
CA LEU D 260 11.19 1.36 -4.67
C LEU D 260 10.63 1.99 -5.95
N ALA D 261 9.79 3.00 -5.77
CA ALA D 261 9.05 3.60 -6.88
C ALA D 261 9.84 4.77 -7.45
N ILE D 262 10.19 4.69 -8.73
CA ILE D 262 10.91 5.79 -9.36
C ILE D 262 10.15 6.12 -10.65
N ASN D 263 9.08 6.90 -10.51
CA ASN D 263 8.10 7.06 -11.58
C ASN D 263 7.72 8.52 -11.88
N GLY D 264 8.48 9.48 -11.38
CA GLY D 264 8.19 10.87 -11.69
C GLY D 264 6.93 11.39 -11.04
N GLY D 265 6.42 10.69 -10.03
CA GLY D 265 5.17 11.05 -9.40
C GLY D 265 3.95 10.47 -10.08
N MET D 266 4.13 9.67 -11.14
CA MET D 266 2.99 9.16 -11.89
C MET D 266 2.04 8.33 -11.02
N HIS D 267 2.59 7.63 -10.02
CA HIS D 267 1.77 6.88 -9.08
C HIS D 267 2.30 7.12 -7.67
N MET D 268 1.37 7.36 -6.75
CA MET D 268 1.64 7.51 -5.33
C MET D 268 0.54 6.77 -4.59
N SER D 269 0.83 6.33 -3.37
CA SER D 269 -0.20 5.62 -2.61
C SER D 269 0.00 5.69 -1.11
PA NAP E . 16.41 11.43 18.68
O1A NAP E . 17.84 11.10 18.91
O2A NAP E . 15.58 11.58 19.95
O5B NAP E . 16.27 12.73 17.79
C5B NAP E . 15.03 13.44 17.75
C4B NAP E . 15.41 14.83 17.33
O4B NAP E . 14.24 15.67 17.35
C3B NAP E . 16.44 15.50 18.25
O3B NAP E . 17.61 15.84 17.51
C2B NAP E . 15.73 16.75 18.78
O2B NAP E . 16.59 17.91 18.81
C1B NAP E . 14.62 16.96 17.76
N9A NAP E . 13.45 17.64 18.31
C8A NAP E . 12.44 17.08 19.05
N7A NAP E . 11.47 17.92 19.32
C5A NAP E . 11.88 19.11 18.75
C6A NAP E . 11.29 20.39 18.68
N6A NAP E . 10.11 20.68 19.22
N1A NAP E . 11.96 21.36 18.03
C2A NAP E . 13.15 21.07 17.48
N3A NAP E . 13.81 19.90 17.48
C4A NAP E . 13.11 18.96 18.12
O3 NAP E . 15.72 10.28 17.83
PN NAP E . 15.99 9.76 16.34
O1N NAP E . 15.80 8.30 16.36
O2N NAP E . 17.26 10.30 15.81
O5D NAP E . 14.73 10.41 15.61
C5D NAP E . 14.86 11.22 14.43
C4D NAP E . 13.68 10.92 13.54
O4D NAP E . 13.71 9.53 13.13
C3D NAP E . 12.30 11.15 14.16
O3D NAP E . 11.44 11.83 13.24
C2D NAP E . 11.81 9.73 14.45
O2D NAP E . 10.38 9.65 14.45
C1D NAP E . 12.40 9.03 13.25
N1N NAP E . 12.48 7.49 13.36
C2N NAP E . 13.28 6.94 14.29
C3N NAP E . 13.40 5.57 14.38
C7N NAP E . 14.31 4.91 15.37
O7N NAP E . 14.26 3.68 15.52
N7N NAP E . 15.12 5.69 16.09
C4N NAP E . 12.66 4.78 13.51
C5N NAP E . 11.84 5.37 12.56
C6N NAP E . 11.76 6.74 12.50
P2B NAP E . 17.78 18.07 19.92
O1X NAP E . 18.69 16.86 19.80
O2X NAP E . 18.46 19.37 19.53
O3X NAP E . 17.10 18.18 21.28
C ACT F . 10.03 4.32 15.54
O ACT F . 10.48 4.68 16.66
OXT ACT F . 9.53 5.03 14.63
CH3 ACT F . 10.08 2.79 15.25
C1 EDO G . 23.56 7.21 18.55
O1 EDO G . 22.93 6.98 17.28
C2 EDO G . 22.52 7.38 19.66
O2 EDO G . 21.85 8.64 19.51
C1 EDO H . 2.95 2.32 25.96
O1 EDO H . 2.45 2.40 27.30
C2 EDO H . 2.76 0.91 25.44
O2 EDO H . 3.69 0.69 24.37
C1 EDO I . 11.38 9.04 18.07
O1 EDO I . 12.13 9.05 19.29
C2 EDO I . 11.61 7.73 17.32
O2 EDO I . 11.33 6.63 18.20
C1 EDO J . 30.49 26.42 18.44
O1 EDO J . 31.03 26.88 17.21
C2 EDO J . 30.40 27.58 19.41
O2 EDO J . 29.66 27.15 20.55
C1 EDO K . 22.73 -9.93 14.12
O1 EDO K . 23.02 -11.30 14.40
C2 EDO K . 23.75 -9.32 13.16
O2 EDO K . 23.31 -9.40 11.80
PA NAP L . -20.61 17.92 4.43
O1A NAP L . -22.00 17.82 3.91
O2A NAP L . -20.02 19.29 4.37
O5B NAP L . -20.55 17.35 5.90
C5B NAP L . -19.45 17.64 6.78
C4B NAP L . -20.01 17.32 8.15
O4B NAP L . -19.05 17.65 9.16
C3B NAP L . -21.29 18.10 8.49
O3B NAP L . -22.33 17.18 8.81
C2B NAP L . -20.89 18.99 9.68
O2B NAP L . -21.90 19.10 10.68
C1B NAP L . -19.70 18.24 10.26
N9A NAP L . -18.75 19.09 10.96
C8A NAP L . -17.78 19.88 10.40
N7A NAP L . -16.98 20.45 11.27
C5A NAP L . -17.47 20.01 12.49
C6A NAP L . -17.07 20.25 13.81
N6A NAP L . -16.02 21.02 14.16
N1A NAP L . -17.76 19.66 14.80
C2A NAP L . -18.80 18.88 14.48
N3A NAP L . -19.28 18.59 13.27
C4A NAP L . -18.56 19.18 12.31
O3 NAP L . -19.63 16.96 3.61
PN NAP L . -19.62 15.37 3.51
O1N NAP L . -19.13 15.02 2.16
O2N NAP L . -20.91 14.83 3.98
O5D NAP L . -18.48 15.06 4.59
C5D NAP L . -18.57 13.90 5.45
C4D NAP L . -17.22 13.20 5.44
O4D NAP L . -16.98 12.59 4.16
C3D NAP L . -16.00 14.10 5.73
O3D NAP L . -15.12 13.49 6.68
C2D NAP L . -15.31 14.20 4.36
O2D NAP L . -13.91 14.40 4.48
C1D NAP L . -15.65 12.82 3.81
N1N NAP L . -15.50 12.69 2.29
C2N NAP L . -16.35 13.34 1.48
C3N NAP L . -16.24 13.21 0.11
C7N NAP L . -17.20 13.89 -0.83
O7N NAP L . -16.96 13.89 -2.05
N7N NAP L . -18.24 14.53 -0.31
C4N NAP L . -15.25 12.38 -0.41
C5N NAP L . -14.39 11.71 0.45
C6N NAP L . -14.53 11.88 1.81
P2B NAP L . -23.29 19.92 10.45
O1X NAP L . -23.96 19.39 9.20
O2X NAP L . -24.06 19.60 11.71
O3X NAP L . -22.90 21.41 10.39
C ACT M . -12.92 14.55 -0.92
O ACT M . -12.32 13.99 0.03
OXT ACT M . -13.67 15.58 -0.90
CH3 ACT M . -12.73 13.90 -2.32
C1 EDO N . -16.27 17.22 1.43
O1 EDO N . -14.95 16.72 1.64
C2 EDO N . -16.40 18.57 2.13
O2 EDO N . -15.86 18.45 3.45
N1 IMD O . -3.42 17.99 15.30
C2 IMD O . -2.62 19.08 15.24
N3 IMD O . -1.78 18.94 14.19
C4 IMD O . -2.04 17.76 13.59
C5 IMD O . -3.07 17.16 14.30
PA NAP P . -10.06 -25.58 -0.98
O1A NAP P . -11.09 -26.06 -0.05
O2A NAP P . -8.89 -26.51 -1.20
O5B NAP P . -10.69 -25.18 -2.39
C5B NAP P . -9.87 -24.91 -3.53
C4B NAP P . -10.83 -25.01 -4.69
O4B NAP P . -10.09 -24.91 -5.92
C3B NAP P . -11.60 -26.33 -4.75
O3B NAP P . -13.01 -26.09 -4.67
C2B NAP P . -11.16 -26.99 -6.05
O2B NAP P . -12.20 -27.69 -6.77
C1B NAP P . -10.66 -25.79 -6.86
N9A NAP P . -9.65 -26.12 -7.85
C8A NAP P . -8.31 -26.32 -7.64
N7A NAP P . -7.62 -26.50 -8.74
C5A NAP P . -8.58 -26.43 -9.74
C6A NAP P . -8.49 -26.53 -11.14
N6A NAP P . -7.33 -26.70 -11.81
N1A NAP P . -9.63 -26.41 -11.86
C2A NAP P . -10.78 -26.22 -11.20
N3A NAP P . -10.98 -26.11 -9.89
C4A NAP P . -9.84 -26.21 -9.21
O3 NAP P . -9.46 -24.23 -0.40
PN NAP P . -10.17 -22.83 -0.15
O1N NAP P . -9.58 -22.24 1.06
O2N NAP P . -11.64 -23.00 -0.23
O5D NAP P . -9.63 -22.05 -1.43
C5D NAP P . -10.49 -21.15 -2.17
C4D NAP P . -9.71 -19.91 -2.51
O4D NAP P . -9.47 -19.13 -1.32
C3D NAP P . -8.34 -20.12 -3.16
O3D NAP P . -8.14 -19.17 -4.20
C2D NAP P . -7.38 -19.85 -2.01
O2D NAP P . -6.11 -19.40 -2.48
C1D NAP P . -8.14 -18.72 -1.33
N1N NAP P . -7.70 -18.40 0.10
C2N NAP P . -7.86 -19.33 1.06
C3N NAP P . -7.49 -19.04 2.36
C7N NAP P . -7.61 -20.04 3.47
O7N NAP P . -7.11 -19.79 4.58
N7N NAP P . -8.19 -21.22 3.21
C4N NAP P . -7.01 -17.78 2.65
C5N NAP P . -6.87 -16.84 1.65
C6N NAP P . -7.22 -17.17 0.37
P2B NAP P . -12.88 -29.08 -6.24
O1X NAP P . -13.30 -28.91 -4.85
O2X NAP P . -14.05 -29.26 -7.22
O3X NAP P . -11.83 -30.16 -6.45
C ACT Q . -3.82 -18.49 2.45
O ACT Q . -3.90 -17.77 1.43
OXT ACT Q . -3.84 -19.75 2.53
CH3 ACT Q . -3.63 -17.71 3.80
C1 EDO R . -14.29 -30.05 -18.14
O1 EDO R . -12.98 -30.10 -18.72
C2 EDO R . -15.21 -29.23 -19.04
O2 EDO R . -15.32 -29.85 -20.33
C1 EDO S . -6.01 -23.37 0.35
O1 EDO S . -5.63 -23.42 -1.04
C2 EDO S . -5.11 -22.36 1.04
O2 EDO S . -5.17 -21.14 0.31
C1 EDO T . 3.42 -29.70 -2.76
O1 EDO T . 2.41 -29.17 -1.90
C2 EDO T . 4.72 -28.91 -2.62
O2 EDO T . 5.78 -29.55 -3.35
N1 IMD U . 1.37 -17.94 -15.75
C2 IMD U . 2.53 -18.58 -16.02
N3 IMD U . 3.50 -18.05 -15.25
C4 IMD U . 2.96 -17.07 -14.49
C5 IMD U . 1.60 -17.02 -14.79
PA NAP V . 14.07 -3.26 -23.88
O1A NAP V . 15.03 -2.26 -24.41
O2A NAP V . 13.11 -3.81 -24.91
O5B NAP V . 14.82 -4.43 -23.12
C5B NAP V . 14.13 -5.65 -22.79
C4B NAP V . 15.22 -6.65 -22.55
O4B NAP V . 14.65 -7.94 -22.31
C3B NAP V . 16.19 -6.82 -23.72
O3B NAP V . 17.52 -6.51 -23.31
C2B NAP V . 16.04 -8.29 -24.14
O2B NAP V . 17.29 -8.91 -24.50
C1B NAP V . 15.47 -8.93 -22.89
N9A NAP V . 14.66 -10.11 -23.15
C8A NAP V . 13.33 -10.13 -23.51
N7A NAP V . 12.82 -11.33 -23.58
C5A NAP V . 13.87 -12.16 -23.24
C6A NAP V . 13.97 -13.56 -23.10
N6A NAP V . 12.95 -14.40 -23.30
N1A NAP V . 15.17 -14.06 -22.73
C2A NAP V . 16.18 -13.23 -22.52
N3A NAP V . 16.21 -11.90 -22.61
C4A NAP V . 15.01 -11.42 -22.97
O3 NAP V . 13.17 -2.55 -22.77
PN NAP V . 13.61 -1.97 -21.34
O1N NAP V . 12.78 -0.78 -21.08
O2N NAP V . 15.08 -1.84 -21.28
O5D NAP V . 13.14 -3.15 -20.40
C5D NAP V . 13.95 -3.54 -19.27
C4D NAP V . 13.02 -3.79 -18.10
O4D NAP V . 12.48 -2.55 -17.62
C3D NAP V . 11.81 -4.69 -18.40
O3D NAP V . 11.62 -5.61 -17.34
C2D NAP V . 10.66 -3.69 -18.47
O2D NAP V . 9.42 -4.31 -18.15
C1D NAP V . 11.11 -2.71 -17.41
N1N NAP V . 10.42 -1.33 -17.45
C2N NAP V . 10.61 -0.55 -18.52
C3N NAP V . 10.06 0.72 -18.56
C7N NAP V . 10.23 1.63 -19.75
O7N NAP V . 9.56 2.67 -19.80
N7N NAP V . 11.04 1.24 -20.72
C4N NAP V . 9.33 1.16 -17.47
C5N NAP V . 9.15 0.33 -16.38
C6N NAP V . 9.70 -0.93 -16.38
P2B NAP V . 18.13 -8.52 -25.84
O1X NAP V . 18.34 -7.03 -25.84
O2X NAP V . 19.38 -9.31 -25.65
O3X NAP V . 17.29 -9.02 -27.04
C ACT W . 6.42 0.31 -18.61
O ACT W . 6.75 0.17 -19.84
OXT ACT W . 6.42 -0.57 -17.71
CH3 ACT W . 5.96 1.74 -18.14
C ACT X . 26.94 6.45 -16.80
O ACT X . 26.60 7.35 -15.98
OXT ACT X . 26.92 5.19 -16.64
CH3 ACT X . 27.45 6.94 -18.20
C1 EDO Y . 14.42 -15.78 -27.33
O1 EDO Y . 15.17 -15.04 -28.30
C2 EDO Y . 14.89 -15.48 -25.90
O2 EDO Y . 16.26 -15.86 -25.71
C1 EDO Z . 9.00 -3.11 -21.75
O1 EDO Z . 8.46 -2.03 -20.96
C2 EDO Z . 9.36 -2.57 -23.12
O2 EDO Z . 10.16 -1.39 -22.97
#